data_9UFI
#
_entry.id   9UFI
#
_cell.length_a   46.105
_cell.length_b   73.244
_cell.length_c   134.294
_cell.angle_alpha   90.00
_cell.angle_beta   97.52
_cell.angle_gamma   90.00
#
_symmetry.space_group_name_H-M   'P 1 21 1'
#
loop_
_entity.id
_entity.type
_entity.pdbx_description
1 polymer UGT79G15
2 non-polymer 'Forsythiaside A'
3 non-polymer "URIDINE-5'-DIPHOSPHATE"
4 water water
#
_entity_poly.entity_id   1
_entity_poly.type   'polypeptide(L)'
_entity_poly.pdbx_seq_one_letter_code
;MPEFEKPKLHITMFPWVAIGHITPFIHLANELAKRGHSISILIPKKAHTQLGHNNLYPDLIKFHIVTVPHVEGLPAGAET
ASDIDITAKNPLAIAFDAMYEQVETLLYGLKPDIVFYDFADWIPKLAAQIGFKTVCYNVICASCMAIGIVPARHIPKDRP
LTEEELMTPPEGYPSSTVVLRGQEARTLSFIGMDYGATKFDVRITAAMQGCDAIGIRTCRELEGPMCDYLSAQYNKPVFL
SGPVLPESPKGPLEEKWEKWLNKFEPKSVVYCAFGSQMILQKNQFQELVLGFEMTGLPFFVALSKPHGADSIEEALPEGF
LERVGDRGVVHGGWVQQTQILNHQSVGCFVSHCGFGSMWESLLSDSQIVLVPRLADQILNTRLLAEELKVAVEVERGDMG
WFSKEDLCKAIKSVMDEESEVGKLVKKNHAKWRETLVSPGYMDNYLEDFIQQLYG
;
_entity_poly.pdbx_strand_id   A,B
#
loop_
_chem_comp.id
_chem_comp.type
_chem_comp.name
_chem_comp.formula
A1EO9 non-polymer 'Forsythiaside A' 'C29 H36 O15'
UDP RNA linking URIDINE-5'-DIPHOSPHATE 'C9 H14 N2 O12 P2'
#
# COMPACT_ATOMS: atom_id res chain seq x y z
N LYS A 6 -24.21 -22.94 -4.10
CA LYS A 6 -23.21 -21.88 -4.18
C LYS A 6 -23.27 -21.14 -5.51
N PRO A 7 -23.40 -19.82 -5.45
CA PRO A 7 -23.38 -19.01 -6.67
C PRO A 7 -21.98 -19.00 -7.26
N LYS A 8 -21.92 -19.01 -8.60
CA LYS A 8 -20.63 -18.97 -9.28
C LYS A 8 -19.92 -17.64 -9.03
N LEU A 9 -18.60 -17.66 -9.14
CA LEU A 9 -17.78 -16.49 -8.85
C LEU A 9 -17.58 -15.65 -10.11
N HIS A 10 -17.31 -14.36 -9.89
CA HIS A 10 -16.86 -13.44 -10.92
C HIS A 10 -15.44 -13.04 -10.56
N ILE A 11 -14.49 -13.42 -11.42
CA ILE A 11 -13.07 -13.17 -11.19
C ILE A 11 -12.57 -12.22 -12.27
N THR A 12 -11.84 -11.19 -11.87
CA THR A 12 -11.15 -10.31 -12.79
C THR A 12 -9.66 -10.62 -12.74
N MET A 13 -9.05 -10.76 -13.92
CA MET A 13 -7.62 -10.98 -14.02
C MET A 13 -6.96 -9.73 -14.59
N PHE A 14 -5.89 -9.29 -13.93
CA PHE A 14 -5.08 -8.19 -14.44
C PHE A 14 -3.61 -8.59 -14.37
N PRO A 15 -3.10 -9.28 -15.39
CA PRO A 15 -1.71 -9.72 -15.37
C PRO A 15 -0.75 -8.61 -15.83
N TRP A 16 0.51 -8.80 -15.45
CA TRP A 16 1.59 -8.04 -16.06
C TRP A 16 1.52 -8.18 -17.58
N VAL A 17 1.86 -7.10 -18.28
CA VAL A 17 1.70 -7.02 -19.73
C VAL A 17 2.83 -7.74 -20.46
N ALA A 18 2.80 -9.07 -20.45
CA ALA A 18 3.74 -9.87 -21.23
C ALA A 18 3.02 -11.13 -21.69
N ILE A 19 3.33 -11.59 -22.90
CA ILE A 19 2.65 -12.78 -23.41
C ILE A 19 2.88 -13.97 -22.49
N GLY A 20 4.07 -14.06 -21.89
CA GLY A 20 4.38 -15.14 -20.99
C GLY A 20 3.60 -15.13 -19.69
N HIS A 21 3.05 -13.96 -19.31
CA HIS A 21 2.15 -13.87 -18.15
C HIS A 21 0.68 -13.99 -18.55
N ILE A 22 0.29 -13.32 -19.64
CA ILE A 22 -1.11 -13.28 -20.04
C ILE A 22 -1.60 -14.68 -20.43
N THR A 23 -0.77 -15.45 -21.09
CA THR A 23 -1.19 -16.77 -21.56
C THR A 23 -1.55 -17.73 -20.44
N PRO A 24 -0.73 -17.92 -19.38
CA PRO A 24 -1.18 -18.78 -18.28
C PRO A 24 -2.41 -18.26 -17.57
N PHE A 25 -2.52 -16.94 -17.40
CA PHE A 25 -3.76 -16.40 -16.84
C PHE A 25 -4.97 -16.82 -17.66
N ILE A 26 -4.85 -16.82 -18.98
CA ILE A 26 -5.97 -17.23 -19.82
C ILE A 26 -6.26 -18.71 -19.67
N HIS A 27 -5.21 -19.54 -19.60
CA HIS A 27 -5.39 -20.97 -19.40
C HIS A 27 -6.08 -21.26 -18.07
N LEU A 28 -5.72 -20.52 -17.03
CA LEU A 28 -6.44 -20.67 -15.76
C LEU A 28 -7.89 -20.22 -15.91
N ALA A 29 -8.12 -19.13 -16.64
CA ALA A 29 -9.48 -18.64 -16.87
C ALA A 29 -10.33 -19.68 -17.58
N ASN A 30 -9.73 -20.42 -18.51
CA ASN A 30 -10.47 -21.46 -19.22
C ASN A 30 -10.87 -22.58 -18.27
N GLU A 31 -9.96 -22.99 -17.39
CA GLU A 31 -10.28 -24.02 -16.40
C GLU A 31 -11.37 -23.55 -15.44
N LEU A 32 -11.33 -22.28 -15.05
CA LEU A 32 -12.34 -21.73 -14.14
C LEU A 32 -13.69 -21.61 -14.83
N ALA A 33 -13.69 -21.14 -16.09
CA ALA A 33 -14.93 -21.02 -16.84
C ALA A 33 -15.55 -22.38 -17.09
N LYS A 34 -14.73 -23.39 -17.37
CA LYS A 34 -15.24 -24.74 -17.52
C LYS A 34 -16.07 -25.16 -16.31
N ARG A 35 -15.73 -24.66 -15.12
CA ARG A 35 -16.49 -24.92 -13.91
C ARG A 35 -17.66 -23.95 -13.71
N GLY A 36 -17.92 -23.07 -14.66
CA GLY A 36 -19.05 -22.17 -14.60
C GLY A 36 -18.75 -20.78 -14.06
N HIS A 37 -17.50 -20.48 -13.73
CA HIS A 37 -17.19 -19.17 -13.18
C HIS A 37 -16.99 -18.15 -14.30
N SER A 38 -17.28 -16.90 -13.97
CA SER A 38 -17.21 -15.79 -14.92
C SER A 38 -15.90 -15.05 -14.75
N ILE A 39 -15.20 -14.82 -15.86
CA ILE A 39 -13.87 -14.22 -15.85
C ILE A 39 -13.86 -12.98 -16.75
N SER A 40 -13.37 -11.86 -16.22
CA SER A 40 -13.07 -10.69 -17.03
C SER A 40 -11.57 -10.47 -17.03
N ILE A 41 -10.98 -10.36 -18.22
CA ILE A 41 -9.53 -10.29 -18.38
C ILE A 41 -9.20 -8.95 -19.04
N LEU A 42 -8.37 -8.14 -18.36
CA LEU A 42 -8.01 -6.79 -18.82
C LEU A 42 -6.61 -6.83 -19.43
N ILE A 43 -6.52 -6.66 -20.75
CA ILE A 43 -5.25 -6.74 -21.46
C ILE A 43 -5.20 -5.70 -22.59
N PRO A 44 -4.00 -5.34 -23.05
CA PRO A 44 -3.89 -4.41 -24.20
C PRO A 44 -4.41 -5.10 -25.47
N LYS A 45 -4.83 -4.30 -26.45
CA LYS A 45 -5.46 -4.82 -27.66
C LYS A 45 -4.55 -5.74 -28.47
N LYS A 46 -3.26 -5.41 -28.51
CA LYS A 46 -2.31 -6.17 -29.33
C LYS A 46 -2.17 -7.57 -28.77
N ALA A 47 -2.15 -7.70 -27.45
CA ALA A 47 -2.17 -9.02 -26.85
C ALA A 47 -3.52 -9.69 -27.09
N HIS A 48 -4.60 -8.92 -27.06
CA HIS A 48 -5.93 -9.47 -27.36
C HIS A 48 -5.99 -10.02 -28.77
N THR A 49 -5.48 -9.26 -29.76
CA THR A 49 -5.46 -9.74 -31.13
C THR A 49 -4.63 -11.00 -31.27
N GLN A 50 -3.55 -11.10 -30.50
CA GLN A 50 -2.66 -12.25 -30.58
C GLN A 50 -3.24 -13.49 -29.88
N LEU A 51 -3.92 -13.31 -28.75
CA LEU A 51 -4.32 -14.45 -27.92
C LEU A 51 -5.82 -14.68 -27.87
N GLY A 52 -6.61 -13.87 -28.59
CA GLY A 52 -8.06 -13.92 -28.44
C GLY A 52 -8.67 -15.24 -28.85
N HIS A 53 -8.03 -15.97 -29.71
CA HIS A 53 -8.57 -17.22 -30.14
C HIS A 53 -8.50 -18.25 -29.08
N ASN A 54 -7.77 -17.95 -28.03
CA ASN A 54 -7.48 -18.91 -26.97
C ASN A 54 -8.64 -19.05 -26.00
N ASN A 55 -9.63 -18.19 -26.14
CA ASN A 55 -10.81 -18.19 -25.29
C ASN A 55 -11.78 -19.28 -25.74
N LEU A 56 -12.00 -20.28 -24.88
CA LEU A 56 -12.88 -21.38 -25.22
C LEU A 56 -14.29 -21.21 -24.65
N TYR A 57 -14.55 -20.15 -23.88
CA TYR A 57 -15.85 -19.92 -23.23
C TYR A 57 -16.24 -18.46 -23.38
N PRO A 58 -16.65 -18.06 -24.58
CA PRO A 58 -16.89 -16.62 -24.85
C PRO A 58 -17.96 -15.99 -23.99
N ASP A 59 -18.98 -16.75 -23.58
CA ASP A 59 -20.03 -16.18 -22.72
C ASP A 59 -19.54 -15.99 -21.29
N LEU A 60 -18.60 -16.80 -20.82
CA LEU A 60 -18.09 -16.73 -19.46
C LEU A 60 -16.83 -15.87 -19.34
N ILE A 61 -15.99 -15.87 -20.36
CA ILE A 61 -14.71 -15.16 -20.35
C ILE A 61 -14.84 -13.98 -21.30
N LYS A 62 -14.76 -12.76 -20.76
CA LYS A 62 -14.82 -11.53 -21.54
C LYS A 62 -13.50 -10.80 -21.42
N PHE A 63 -12.99 -10.32 -22.56
CA PHE A 63 -11.80 -9.49 -22.61
C PHE A 63 -12.19 -8.02 -22.56
N HIS A 64 -11.45 -7.24 -21.78
CA HIS A 64 -11.60 -5.79 -21.74
C HIS A 64 -10.28 -5.16 -22.12
N ILE A 65 -10.29 -4.38 -23.19
CA ILE A 65 -9.06 -3.77 -23.69
C ILE A 65 -8.68 -2.61 -22.78
N VAL A 66 -7.44 -2.62 -22.31
CA VAL A 66 -6.87 -1.52 -21.53
C VAL A 66 -5.79 -0.89 -22.38
N THR A 67 -5.80 0.43 -22.45
CA THR A 67 -4.81 1.16 -23.22
C THR A 67 -3.55 1.38 -22.41
N VAL A 68 -2.40 1.18 -23.05
CA VAL A 68 -1.10 1.41 -22.43
C VAL A 68 -0.71 2.86 -22.68
N PRO A 69 -0.77 3.73 -21.67
CA PRO A 69 -0.55 5.16 -21.92
C PRO A 69 0.88 5.40 -22.38
N HIS A 70 1.04 6.34 -23.30
CA HIS A 70 2.38 6.78 -23.64
C HIS A 70 3.00 7.45 -22.42
N VAL A 71 4.29 7.18 -22.20
CA VAL A 71 5.04 7.80 -21.12
C VAL A 71 6.42 8.09 -21.69
N GLU A 72 7.15 8.95 -20.97
CA GLU A 72 8.46 9.35 -21.45
C GLU A 72 9.38 8.15 -21.60
N GLY A 73 9.94 7.99 -22.80
CA GLY A 73 10.84 6.89 -23.10
C GLY A 73 10.18 5.63 -23.61
N LEU A 74 8.86 5.61 -23.75
CA LEU A 74 8.22 4.39 -24.24
C LEU A 74 8.11 4.43 -25.76
N PRO A 75 8.60 3.40 -26.46
CA PRO A 75 8.44 3.37 -27.91
C PRO A 75 6.97 3.43 -28.30
N ALA A 76 6.72 4.01 -29.48
CA ALA A 76 5.36 4.21 -29.94
C ALA A 76 4.66 2.87 -30.15
N GLY A 77 3.43 2.76 -29.65
CA GLY A 77 2.68 1.52 -29.78
C GLY A 77 3.30 0.34 -29.05
N ALA A 78 4.02 0.59 -27.96
CA ALA A 78 4.57 -0.48 -27.13
C ALA A 78 3.54 -0.83 -26.06
N GLU A 79 3.08 -2.08 -26.07
CA GLU A 79 2.11 -2.53 -25.08
C GLU A 79 2.54 -3.74 -24.26
N THR A 80 3.50 -4.54 -24.72
CA THR A 80 3.89 -5.75 -24.01
C THR A 80 5.40 -5.87 -24.00
N ALA A 81 5.91 -6.73 -23.11
CA ALA A 81 7.35 -6.93 -23.03
C ALA A 81 7.94 -7.36 -24.36
N SER A 82 7.16 -8.06 -25.20
CA SER A 82 7.64 -8.52 -26.49
C SER A 82 7.94 -7.37 -27.45
N ASP A 83 7.24 -6.24 -27.31
CA ASP A 83 7.47 -5.10 -28.21
C ASP A 83 8.81 -4.40 -27.95
N ILE A 84 9.26 -4.36 -26.70
CA ILE A 84 10.51 -3.69 -26.35
C ILE A 84 11.54 -4.67 -25.79
N ASP A 85 12.76 -4.29 -26.13
CA ASP A 85 13.95 -4.74 -25.52
C ASP A 85 14.23 -3.98 -24.26
N ILE A 86 15.26 -4.44 -23.61
CA ILE A 86 15.55 -4.17 -22.22
C ILE A 86 15.72 -2.66 -21.92
N THR A 87 16.15 -1.85 -22.91
CA THR A 87 16.34 -0.42 -22.62
C THR A 87 15.04 0.32 -22.31
N ALA A 88 13.91 -0.19 -22.78
CA ALA A 88 12.61 0.42 -22.54
C ALA A 88 11.89 -0.15 -21.31
N LYS A 89 12.57 -0.97 -20.50
CA LYS A 89 11.86 -1.75 -19.48
C LYS A 89 11.28 -0.85 -18.39
N ASN A 90 11.99 0.19 -17.99
CA ASN A 90 11.44 1.05 -16.96
C ASN A 90 10.28 1.88 -17.49
N PRO A 91 10.34 2.42 -18.72
CA PRO A 91 9.13 3.04 -19.30
C PRO A 91 7.93 2.11 -19.35
N LEU A 92 8.10 0.85 -19.74
CA LEU A 92 6.93 -0.03 -19.84
C LEU A 92 6.30 -0.27 -18.46
N ALA A 93 7.13 -0.46 -17.43
CA ALA A 93 6.60 -0.65 -16.09
C ALA A 93 5.89 0.60 -15.59
N ILE A 94 6.45 1.78 -15.88
CA ILE A 94 5.82 3.03 -15.46
C ILE A 94 4.48 3.20 -16.17
N ALA A 95 4.41 2.86 -17.45
CA ALA A 95 3.15 2.91 -18.19
C ALA A 95 2.15 1.90 -17.64
N PHE A 96 2.64 0.72 -17.26
CA PHE A 96 1.79 -0.31 -16.66
C PHE A 96 1.16 0.20 -15.36
N ASP A 97 1.96 0.84 -14.50
CA ASP A 97 1.39 1.42 -13.29
C ASP A 97 0.38 2.51 -13.62
N ALA A 98 0.54 3.18 -14.76
CA ALA A 98 -0.35 4.29 -15.09
C ALA A 98 -1.73 3.86 -15.54
N MET A 99 -1.93 2.57 -15.90
CA MET A 99 -3.30 2.18 -16.20
C MET A 99 -4.14 1.97 -14.93
N TYR A 100 -3.61 2.41 -13.78
CA TYR A 100 -4.31 2.31 -12.51
C TYR A 100 -5.71 2.92 -12.60
N GLU A 101 -5.80 4.14 -13.12
CA GLU A 101 -7.09 4.84 -13.13
C GLU A 101 -8.07 4.16 -14.08
N GLN A 102 -7.57 3.74 -15.24
CA GLN A 102 -8.40 3.02 -16.20
C GLN A 102 -8.82 1.66 -15.64
N VAL A 103 -7.92 0.99 -14.91
CA VAL A 103 -8.28 -0.26 -14.26
C VAL A 103 -9.32 -0.03 -13.17
N GLU A 104 -9.18 1.07 -12.42
CA GLU A 104 -10.13 1.36 -11.34
C GLU A 104 -11.53 1.58 -11.88
N THR A 105 -11.66 2.28 -13.00
CA THR A 105 -12.98 2.49 -13.59
C THR A 105 -13.60 1.17 -14.06
N LEU A 106 -12.78 0.29 -14.67
CA LEU A 106 -13.32 -1.00 -15.07
C LEU A 106 -13.71 -1.85 -13.87
N LEU A 107 -12.93 -1.78 -12.79
CA LEU A 107 -13.24 -2.58 -11.61
C LEU A 107 -14.47 -2.06 -10.88
N TYR A 108 -14.63 -0.73 -10.83
CA TYR A 108 -15.85 -0.15 -10.27
C TYR A 108 -17.07 -0.65 -11.03
N GLY A 109 -16.96 -0.80 -12.35
CA GLY A 109 -18.05 -1.32 -13.16
C GLY A 109 -18.23 -2.82 -13.05
N LEU A 110 -17.14 -3.58 -13.07
CA LEU A 110 -17.24 -5.03 -13.07
C LEU A 110 -17.63 -5.60 -11.71
N LYS A 111 -17.19 -4.97 -10.62
CA LYS A 111 -17.52 -5.40 -9.27
C LYS A 111 -17.17 -6.85 -8.99
N PRO A 112 -15.95 -7.30 -9.29
CA PRO A 112 -15.65 -8.73 -9.13
C PRO A 112 -15.60 -9.13 -7.67
N ASP A 113 -15.79 -10.44 -7.45
CA ASP A 113 -15.59 -11.02 -6.12
C ASP A 113 -14.11 -11.12 -5.80
N ILE A 114 -13.30 -11.51 -6.78
CA ILE A 114 -11.86 -11.73 -6.60
C ILE A 114 -11.14 -11.12 -7.78
N VAL A 115 -10.00 -10.50 -7.52
CA VAL A 115 -9.13 -9.98 -8.57
C VAL A 115 -7.81 -10.73 -8.49
N PHE A 116 -7.37 -11.26 -9.62
CA PHE A 116 -6.04 -11.86 -9.74
C PHE A 116 -5.10 -10.82 -10.31
N TYR A 117 -3.89 -10.78 -9.77
CA TYR A 117 -2.85 -9.84 -10.22
C TYR A 117 -1.52 -10.45 -9.87
N ASP A 118 -0.45 -9.96 -10.51
CA ASP A 118 0.88 -10.37 -10.08
C ASP A 118 1.78 -9.17 -9.82
N PHE A 119 2.13 -8.39 -10.85
CA PHE A 119 3.07 -7.30 -10.66
C PHE A 119 2.40 -5.99 -10.28
N ALA A 120 1.08 -5.87 -10.40
CA ALA A 120 0.39 -4.62 -10.08
C ALA A 120 0.15 -4.53 -8.57
N ASP A 121 1.20 -4.09 -7.86
CA ASP A 121 1.16 -4.03 -6.40
C ASP A 121 0.10 -3.08 -5.87
N TRP A 122 -0.39 -2.16 -6.69
CA TRP A 122 -1.42 -1.22 -6.28
C TRP A 122 -2.82 -1.80 -6.31
N ILE A 123 -2.99 -3.04 -6.78
CA ILE A 123 -4.33 -3.63 -6.82
C ILE A 123 -4.93 -3.78 -5.43
N PRO A 124 -4.19 -4.17 -4.38
CA PRO A 124 -4.83 -4.23 -3.05
C PRO A 124 -5.38 -2.90 -2.57
N LYS A 125 -4.74 -1.78 -2.90
CA LYS A 125 -5.31 -0.48 -2.57
C LYS A 125 -6.70 -0.33 -3.17
N LEU A 126 -6.86 -0.71 -4.44
CA LEU A 126 -8.18 -0.73 -5.06
C LEU A 126 -9.11 -1.74 -4.39
N ALA A 127 -8.55 -2.85 -3.88
CA ALA A 127 -9.38 -3.82 -3.17
C ALA A 127 -10.08 -3.18 -1.98
N ALA A 128 -9.40 -2.24 -1.31
CA ALA A 128 -10.02 -1.51 -0.22
C ALA A 128 -11.08 -0.52 -0.70
N GLN A 129 -10.82 0.19 -1.81
CA GLN A 129 -11.76 1.22 -2.27
C GLN A 129 -13.00 0.62 -2.92
N ILE A 130 -12.85 -0.48 -3.66
CA ILE A 130 -13.94 -1.03 -4.44
C ILE A 130 -14.60 -2.23 -3.74
N GLY A 131 -13.89 -2.90 -2.85
CA GLY A 131 -14.45 -4.05 -2.16
C GLY A 131 -14.39 -5.33 -2.97
N PHE A 132 -13.22 -5.97 -2.99
CA PHE A 132 -13.07 -7.30 -3.56
C PHE A 132 -11.87 -8.00 -2.91
N LYS A 133 -11.86 -9.32 -3.01
CA LYS A 133 -10.77 -10.14 -2.50
C LYS A 133 -9.66 -10.22 -3.56
N THR A 134 -8.42 -10.42 -3.11
CA THR A 134 -7.30 -10.43 -4.03
C THR A 134 -6.46 -11.68 -3.88
N VAL A 135 -6.03 -12.22 -5.01
CA VAL A 135 -5.02 -13.27 -5.06
C VAL A 135 -3.85 -12.75 -5.89
N CYS A 136 -2.64 -12.83 -5.33
CA CYS A 136 -1.44 -12.53 -6.10
C CYS A 136 -0.99 -13.84 -6.73
N TYR A 137 -1.36 -14.04 -8.00
CA TYR A 137 -1.18 -15.33 -8.66
C TYR A 137 0.07 -15.28 -9.56
N ASN A 138 1.03 -16.16 -9.28
CA ASN A 138 2.33 -16.11 -9.92
C ASN A 138 2.54 -17.27 -10.90
N VAL A 139 2.89 -16.93 -12.14
CA VAL A 139 3.23 -17.90 -13.16
C VAL A 139 4.65 -18.45 -12.99
N ILE A 140 5.54 -17.73 -12.29
CA ILE A 140 6.89 -18.23 -12.04
C ILE A 140 6.87 -19.35 -10.99
N CYS A 141 7.94 -20.15 -10.98
CA CYS A 141 8.02 -21.32 -10.11
C CYS A 141 8.23 -20.91 -8.65
N ALA A 142 7.77 -21.78 -7.75
CA ALA A 142 7.75 -21.47 -6.32
C ALA A 142 9.15 -21.30 -5.76
N SER A 143 10.11 -22.12 -6.21
CA SER A 143 11.45 -22.03 -5.65
C SER A 143 12.10 -20.69 -5.98
N CYS A 144 11.81 -20.14 -7.15
CA CYS A 144 12.34 -18.82 -7.49
C CYS A 144 11.78 -17.75 -6.58
N MET A 145 10.49 -17.81 -6.27
CA MET A 145 9.90 -16.86 -5.33
C MET A 145 10.51 -16.99 -3.94
N ALA A 146 10.73 -18.24 -3.49
CA ALA A 146 11.14 -18.49 -2.11
C ALA A 146 12.60 -18.14 -1.88
N ILE A 147 13.46 -18.36 -2.88
CA ILE A 147 14.88 -18.05 -2.74
C ILE A 147 15.17 -16.57 -2.96
N GLY A 148 14.23 -15.80 -3.51
CA GLY A 148 14.48 -14.45 -3.93
C GLY A 148 13.94 -13.38 -3.03
N ILE A 149 12.74 -12.89 -3.34
CA ILE A 149 12.19 -11.72 -2.69
C ILE A 149 11.30 -12.21 -1.55
N VAL A 150 11.86 -12.21 -0.36
CA VAL A 150 11.17 -12.73 0.81
C VAL A 150 11.68 -11.89 1.98
N PRO A 151 10.84 -11.59 2.98
CA PRO A 151 11.29 -10.71 4.08
C PRO A 151 12.55 -11.18 4.77
N ALA A 152 12.81 -12.49 4.83
CA ALA A 152 14.03 -12.97 5.46
C ALA A 152 15.27 -12.47 4.72
N ARG A 153 15.18 -12.21 3.42
CA ARG A 153 16.26 -11.56 2.71
C ARG A 153 16.14 -10.05 2.83
N HIS A 154 17.22 -9.41 3.27
CA HIS A 154 17.28 -7.97 3.30
C HIS A 154 17.97 -7.51 2.03
N ILE A 155 17.27 -6.71 1.24
CA ILE A 155 17.82 -6.11 0.03
C ILE A 155 18.01 -4.63 0.31
N PRO A 156 19.24 -4.12 0.33
CA PRO A 156 19.43 -2.69 0.60
C PRO A 156 18.83 -1.85 -0.51
N LYS A 157 18.24 -0.72 -0.12
CA LYS A 157 17.73 0.23 -1.11
C LYS A 157 18.84 0.99 -1.80
N ASP A 158 19.96 1.22 -1.12
CA ASP A 158 21.02 2.08 -1.64
C ASP A 158 22.01 1.35 -2.55
N ARG A 159 22.30 0.09 -2.28
CA ARG A 159 23.39 -0.61 -2.94
C ARG A 159 22.95 -1.97 -3.44
N PRO A 160 23.55 -2.47 -4.53
CA PRO A 160 23.18 -3.79 -5.04
C PRO A 160 23.71 -4.92 -4.17
N LEU A 161 23.07 -6.08 -4.30
CA LEU A 161 23.52 -7.28 -3.63
C LEU A 161 24.77 -7.83 -4.31
N THR A 162 25.72 -8.31 -3.52
CA THR A 162 26.87 -8.99 -4.09
C THR A 162 26.46 -10.36 -4.63
N GLU A 163 27.37 -10.95 -5.41
CA GLU A 163 27.17 -12.31 -5.89
C GLU A 163 27.06 -13.27 -4.72
N GLU A 164 27.79 -12.96 -3.64
CA GLU A 164 27.76 -13.76 -2.42
C GLU A 164 26.39 -13.68 -1.74
N GLU A 165 25.88 -12.47 -1.53
CA GLU A 165 24.59 -12.31 -0.88
C GLU A 165 23.50 -13.03 -1.67
N LEU A 166 23.56 -12.93 -3.01
CA LEU A 166 22.56 -13.56 -3.86
C LEU A 166 22.64 -15.07 -3.82
N MET A 167 23.86 -15.62 -3.80
CA MET A 167 24.04 -17.06 -3.74
C MET A 167 23.56 -17.63 -2.41
N THR A 168 23.66 -16.87 -1.33
CA THR A 168 23.23 -17.34 -0.02
C THR A 168 21.71 -17.35 0.09
N PRO A 169 21.07 -18.51 0.23
CA PRO A 169 19.62 -18.53 0.33
C PRO A 169 19.14 -17.89 1.64
N PRO A 170 17.98 -17.25 1.62
CA PRO A 170 17.52 -16.58 2.84
C PRO A 170 17.30 -17.59 3.96
N GLU A 171 17.39 -17.11 5.19
CA GLU A 171 17.32 -18.00 6.35
C GLU A 171 15.95 -18.68 6.44
N GLY A 172 15.99 -19.98 6.70
CA GLY A 172 14.82 -20.81 6.72
C GLY A 172 14.44 -21.41 5.38
N TYR A 173 15.19 -21.10 4.32
CA TYR A 173 14.92 -21.65 3.00
C TYR A 173 15.06 -23.17 3.05
N PRO A 174 14.04 -23.93 2.64
CA PRO A 174 13.97 -25.35 3.03
C PRO A 174 15.03 -26.24 2.41
N SER A 175 15.60 -25.89 1.26
CA SER A 175 16.42 -26.82 0.50
C SER A 175 17.88 -26.41 0.45
N SER A 176 18.76 -27.40 0.60
CA SER A 176 20.19 -27.25 0.33
C SER A 176 20.55 -27.64 -1.09
N THR A 177 19.61 -28.26 -1.80
CA THR A 177 19.76 -28.73 -3.17
C THR A 177 19.32 -27.70 -4.21
N VAL A 178 18.18 -27.06 -3.98
CA VAL A 178 17.61 -26.11 -4.96
C VAL A 178 18.22 -24.75 -4.64
N VAL A 179 19.47 -24.56 -5.08
CA VAL A 179 20.22 -23.33 -4.83
C VAL A 179 21.00 -22.97 -6.09
N LEU A 180 21.31 -21.68 -6.21
CA LEU A 180 22.24 -21.21 -7.23
C LEU A 180 23.68 -21.37 -6.74
N ARG A 181 24.58 -21.62 -7.67
CA ARG A 181 25.98 -21.84 -7.35
C ARG A 181 26.88 -20.93 -8.19
N GLY A 182 27.74 -20.17 -7.51
CA GLY A 182 28.81 -19.47 -8.20
C GLY A 182 28.31 -18.36 -9.10
N GLN A 183 28.81 -18.36 -10.34
CA GLN A 183 28.43 -17.32 -11.30
C GLN A 183 26.94 -17.34 -11.63
N GLU A 184 26.27 -18.48 -11.41
CA GLU A 184 24.82 -18.54 -11.60
C GLU A 184 24.12 -17.45 -10.83
N ALA A 185 24.73 -16.98 -9.73
CA ALA A 185 24.08 -15.98 -8.89
C ALA A 185 23.73 -14.70 -9.64
N ARG A 186 24.46 -14.38 -10.70
CA ARG A 186 24.14 -13.21 -11.51
C ARG A 186 22.74 -13.29 -12.11
N THR A 187 22.26 -14.52 -12.35
CA THR A 187 20.94 -14.71 -12.93
C THR A 187 19.84 -14.23 -11.99
N LEU A 188 20.11 -14.12 -10.69
CA LEU A 188 19.16 -13.59 -9.72
C LEU A 188 19.26 -12.08 -9.53
N SER A 189 20.22 -11.42 -10.19
CA SER A 189 20.51 -10.02 -9.86
C SER A 189 19.33 -9.10 -10.17
N PHE A 190 18.38 -9.54 -10.98
CA PHE A 190 17.25 -8.68 -11.33
C PHE A 190 16.37 -8.35 -10.11
N ILE A 191 16.36 -9.23 -9.09
CA ILE A 191 15.44 -9.01 -7.97
C ILE A 191 15.68 -7.66 -7.31
N GLY A 192 16.91 -7.13 -7.39
CA GLY A 192 17.26 -5.84 -6.86
C GLY A 192 17.17 -4.68 -7.82
N MET A 193 16.96 -4.95 -9.11
CA MET A 193 17.01 -3.91 -10.12
C MET A 193 15.80 -2.99 -10.08
N ASP A 194 15.97 -1.84 -10.71
CA ASP A 194 14.87 -0.89 -10.92
C ASP A 194 13.83 -1.52 -11.83
N TYR A 195 12.56 -1.23 -11.56
CA TYR A 195 11.45 -1.71 -12.40
C TYR A 195 10.40 -0.62 -12.45
N GLY A 196 10.54 0.30 -13.40
CA GLY A 196 9.72 1.49 -13.35
C GLY A 196 10.23 2.42 -12.27
N ALA A 197 9.31 2.98 -11.49
CA ALA A 197 9.69 3.99 -10.51
C ALA A 197 10.30 3.38 -9.25
N THR A 198 9.96 2.14 -8.93
CA THR A 198 10.49 1.45 -7.76
C THR A 198 11.39 0.30 -8.18
N LYS A 199 12.15 -0.21 -7.20
CA LYS A 199 12.95 -1.40 -7.41
C LYS A 199 12.03 -2.62 -7.40
N PHE A 200 12.45 -3.68 -8.11
CA PHE A 200 11.60 -4.84 -8.33
C PHE A 200 11.18 -5.48 -7.01
N ASP A 201 12.12 -5.65 -6.08
CA ASP A 201 11.82 -6.32 -4.82
C ASP A 201 10.81 -5.54 -3.98
N VAL A 202 10.84 -4.20 -4.05
CA VAL A 202 9.82 -3.40 -3.35
C VAL A 202 8.45 -3.66 -3.94
N ARG A 203 8.37 -3.78 -5.27
CA ARG A 203 7.09 -4.01 -5.93
C ARG A 203 6.54 -5.39 -5.59
N ILE A 204 7.41 -6.42 -5.60
CA ILE A 204 6.95 -7.77 -5.30
C ILE A 204 6.60 -7.90 -3.82
N THR A 205 7.36 -7.24 -2.94
CA THR A 205 7.03 -7.31 -1.51
C THR A 205 5.65 -6.73 -1.24
N ALA A 206 5.35 -5.58 -1.86
CA ALA A 206 4.03 -4.98 -1.68
C ALA A 206 2.94 -5.87 -2.27
N ALA A 207 3.22 -6.48 -3.43
CA ALA A 207 2.26 -7.39 -4.07
C ALA A 207 1.96 -8.59 -3.18
N MET A 208 3.00 -9.22 -2.65
CA MET A 208 2.80 -10.40 -1.81
C MET A 208 2.12 -10.05 -0.49
N GLN A 209 2.53 -8.96 0.15
CA GLN A 209 1.98 -8.63 1.46
C GLN A 209 0.56 -8.05 1.37
N GLY A 210 0.20 -7.44 0.24
CA GLY A 210 -1.12 -6.84 0.12
C GLY A 210 -2.24 -7.82 -0.21
N CYS A 211 -1.93 -8.94 -0.84
CA CYS A 211 -2.98 -9.84 -1.30
C CYS A 211 -3.66 -10.55 -0.13
N ASP A 212 -4.83 -11.15 -0.42
CA ASP A 212 -5.47 -12.00 0.57
C ASP A 212 -4.88 -13.40 0.58
N ALA A 213 -4.48 -13.89 -0.59
CA ALA A 213 -3.78 -15.16 -0.68
C ALA A 213 -2.82 -15.11 -1.87
N ILE A 214 -1.78 -15.92 -1.79
CA ILE A 214 -0.78 -16.08 -2.84
C ILE A 214 -1.18 -17.29 -3.68
N GLY A 215 -1.23 -17.12 -5.00
CA GLY A 215 -1.52 -18.21 -5.91
C GLY A 215 -0.24 -18.60 -6.66
N ILE A 216 0.01 -19.92 -6.73
CA ILE A 216 1.16 -20.46 -7.44
C ILE A 216 0.70 -21.56 -8.37
N ARG A 217 1.23 -21.58 -9.59
CA ARG A 217 0.92 -22.60 -10.58
C ARG A 217 1.88 -23.79 -10.44
N THR A 218 1.78 -24.46 -9.30
CA THR A 218 2.61 -25.63 -9.07
C THR A 218 1.81 -26.63 -8.25
N CYS A 219 2.44 -27.76 -7.96
CA CYS A 219 1.80 -28.81 -7.18
C CYS A 219 2.64 -29.08 -5.93
N ARG A 220 1.98 -29.61 -4.90
CA ARG A 220 2.63 -29.79 -3.61
C ARG A 220 3.69 -30.88 -3.67
N GLU A 221 3.47 -31.92 -4.46
CA GLU A 221 4.45 -32.99 -4.59
C GLU A 221 5.78 -32.48 -5.14
N LEU A 222 5.72 -31.50 -6.04
CA LEU A 222 6.96 -30.94 -6.59
C LEU A 222 7.60 -29.94 -5.63
N GLU A 223 6.83 -28.96 -5.17
CA GLU A 223 7.38 -27.75 -4.56
C GLU A 223 6.73 -27.45 -3.22
N GLY A 224 6.26 -28.48 -2.51
CA GLY A 224 5.55 -28.31 -1.26
C GLY A 224 6.27 -27.51 -0.19
N PRO A 225 7.50 -27.90 0.14
CA PRO A 225 8.24 -27.13 1.15
C PRO A 225 8.49 -25.68 0.77
N MET A 226 8.68 -25.39 -0.53
CA MET A 226 8.86 -24.00 -0.96
C MET A 226 7.59 -23.19 -0.73
N CYS A 227 6.43 -23.76 -1.07
CA CYS A 227 5.17 -23.09 -0.80
C CYS A 227 4.98 -22.81 0.68
N ASP A 228 5.28 -23.80 1.54
CA ASP A 228 5.16 -23.59 2.98
C ASP A 228 6.10 -22.50 3.47
N TYR A 229 7.31 -22.44 2.91
CA TYR A 229 8.23 -21.36 3.26
C TYR A 229 7.66 -20.01 2.86
N LEU A 230 7.09 -19.91 1.65
CA LEU A 230 6.49 -18.66 1.23
C LEU A 230 5.31 -18.28 2.12
N SER A 231 4.53 -19.27 2.53
CA SER A 231 3.36 -18.97 3.35
C SER A 231 3.77 -18.36 4.68
N ALA A 232 4.77 -18.95 5.33
CA ALA A 232 5.26 -18.42 6.61
C ALA A 232 5.96 -17.08 6.43
N GLN A 233 6.74 -16.92 5.37
CA GLN A 233 7.51 -15.69 5.17
C GLN A 233 6.59 -14.47 5.02
N TYR A 234 5.47 -14.63 4.33
CA TYR A 234 4.55 -13.52 4.14
C TYR A 234 3.34 -13.61 5.06
N ASN A 235 3.23 -14.67 5.85
CA ASN A 235 2.08 -14.85 6.72
C ASN A 235 0.79 -14.74 5.91
N LYS A 236 0.78 -15.42 4.77
CA LYS A 236 -0.33 -15.48 3.85
C LYS A 236 -0.60 -16.94 3.52
N PRO A 237 -1.86 -17.33 3.32
CA PRO A 237 -2.13 -18.65 2.76
C PRO A 237 -1.67 -18.73 1.31
N VAL A 238 -1.30 -19.93 0.89
CA VAL A 238 -0.80 -20.18 -0.45
C VAL A 238 -1.72 -21.19 -1.12
N PHE A 239 -2.32 -20.79 -2.25
CA PHE A 239 -3.24 -21.64 -3.01
C PHE A 239 -2.50 -22.21 -4.21
N LEU A 240 -2.44 -23.54 -4.32
CA LEU A 240 -1.78 -24.21 -5.43
C LEU A 240 -2.80 -24.58 -6.49
N SER A 241 -2.63 -24.05 -7.70
CA SER A 241 -3.54 -24.31 -8.80
C SER A 241 -3.20 -25.55 -9.60
N GLY A 242 -2.03 -26.15 -9.38
CA GLY A 242 -1.52 -27.14 -10.29
C GLY A 242 -0.88 -26.43 -11.46
N PRO A 243 -0.25 -27.16 -12.36
CA PRO A 243 0.45 -26.51 -13.48
C PRO A 243 -0.47 -25.88 -14.50
N VAL A 244 -1.76 -26.24 -14.52
CA VAL A 244 -2.74 -25.69 -15.46
C VAL A 244 -2.19 -25.79 -16.88
N LEU A 245 -1.75 -26.98 -17.26
CA LEU A 245 -1.17 -27.17 -18.58
C LEU A 245 -2.26 -27.15 -19.65
N PRO A 246 -2.06 -26.43 -20.76
CA PRO A 246 -3.09 -26.41 -21.80
C PRO A 246 -3.24 -27.77 -22.46
N GLU A 247 -4.36 -27.94 -23.17
CA GLU A 247 -4.65 -29.21 -23.81
C GLU A 247 -3.61 -29.50 -24.88
N SER A 248 -3.18 -30.76 -24.93
CA SER A 248 -2.21 -31.15 -25.94
C SER A 248 -2.80 -30.92 -27.33
N PRO A 249 -2.03 -30.40 -28.27
CA PRO A 249 -2.57 -30.18 -29.62
C PRO A 249 -2.83 -31.51 -30.29
N LYS A 250 -4.08 -31.74 -30.69
CA LYS A 250 -4.44 -32.92 -31.45
C LYS A 250 -4.01 -32.75 -32.90
N GLY A 251 -4.10 -33.86 -33.64
CA GLY A 251 -3.69 -33.90 -35.02
C GLY A 251 -2.42 -34.72 -35.15
N PRO A 252 -2.20 -35.31 -36.31
CA PRO A 252 -1.05 -36.20 -36.48
C PRO A 252 0.26 -35.44 -36.60
N LEU A 253 1.33 -36.13 -36.25
CA LEU A 253 2.66 -35.59 -36.46
C LEU A 253 2.93 -35.44 -37.96
N GLU A 254 3.67 -34.38 -38.32
CA GLU A 254 4.02 -34.16 -39.71
C GLU A 254 4.64 -35.42 -40.31
N GLU A 255 4.15 -35.79 -41.50
CA GLU A 255 4.43 -37.11 -42.06
C GLU A 255 5.92 -37.33 -42.30
N LYS A 256 6.63 -36.28 -42.72
CA LYS A 256 8.08 -36.43 -42.96
C LYS A 256 8.83 -36.67 -41.66
N TRP A 257 8.42 -36.04 -40.56
CA TRP A 257 9.03 -36.33 -39.28
C TRP A 257 8.74 -37.75 -38.84
N GLU A 258 7.49 -38.19 -39.00
CA GLU A 258 7.14 -39.56 -38.68
C GLU A 258 7.96 -40.54 -39.49
N LYS A 259 8.11 -40.28 -40.79
CA LYS A 259 8.88 -41.18 -41.65
C LYS A 259 10.35 -41.19 -41.24
N TRP A 260 10.93 -40.03 -40.93
CA TRP A 260 12.33 -40.00 -40.52
C TRP A 260 12.53 -40.68 -39.17
N LEU A 261 11.62 -40.45 -38.22
CA LEU A 261 11.71 -41.11 -36.93
C LEU A 261 11.57 -42.63 -37.06
N ASN A 262 10.77 -43.10 -38.03
CA ASN A 262 10.48 -44.52 -38.11
C ASN A 262 11.66 -45.32 -38.63
N LYS A 263 12.65 -44.66 -39.22
CA LYS A 263 13.87 -45.37 -39.62
C LYS A 263 14.70 -45.82 -38.42
N PHE A 264 14.35 -45.38 -37.21
CA PHE A 264 15.17 -45.64 -36.03
C PHE A 264 14.44 -46.57 -35.06
N GLU A 265 15.26 -47.21 -34.20
CA GLU A 265 14.77 -48.13 -33.20
C GLU A 265 14.08 -47.38 -32.06
N PRO A 266 13.19 -48.05 -31.32
CA PRO A 266 12.45 -47.37 -30.25
C PRO A 266 13.38 -46.80 -29.19
N LYS A 267 13.05 -45.60 -28.71
CA LYS A 267 13.73 -44.93 -27.61
C LYS A 267 15.19 -44.62 -27.93
N SER A 268 15.55 -44.56 -29.20
CA SER A 268 16.93 -44.37 -29.60
C SER A 268 17.25 -42.96 -30.07
N VAL A 269 16.24 -42.12 -30.29
CA VAL A 269 16.43 -40.80 -30.87
C VAL A 269 16.48 -39.76 -29.75
N VAL A 270 17.48 -38.88 -29.80
CA VAL A 270 17.59 -37.77 -28.85
C VAL A 270 16.94 -36.55 -29.48
N TYR A 271 15.89 -36.04 -28.82
CA TYR A 271 15.20 -34.83 -29.26
C TYR A 271 15.67 -33.65 -28.41
N CYS A 272 15.74 -32.47 -29.04
CA CYS A 272 16.25 -31.28 -28.36
C CYS A 272 15.49 -30.05 -28.82
N ALA A 273 14.99 -29.26 -27.88
CA ALA A 273 14.38 -27.96 -28.18
C ALA A 273 14.47 -27.10 -26.94
N PHE A 274 14.71 -25.79 -27.15
CA PHE A 274 14.95 -24.86 -26.06
C PHE A 274 13.80 -23.87 -25.87
N GLY A 275 12.58 -24.21 -26.23
CA GLY A 275 11.48 -23.29 -26.02
C GLY A 275 11.33 -22.31 -27.17
N SER A 276 10.29 -21.48 -27.07
CA SER A 276 9.99 -20.49 -28.10
C SER A 276 10.31 -19.08 -27.62
N GLN A 277 11.45 -18.92 -26.97
CA GLN A 277 11.89 -17.61 -26.48
C GLN A 277 13.39 -17.45 -26.64
N MET A 278 14.12 -18.55 -26.51
CA MET A 278 15.59 -18.53 -26.65
C MET A 278 16.09 -18.62 -28.12
N ILE A 279 17.12 -17.82 -28.44
CA ILE A 279 17.89 -17.91 -29.69
C ILE A 279 19.36 -17.96 -29.30
N LEU A 280 20.05 -19.04 -29.65
CA LEU A 280 21.42 -19.25 -29.24
C LEU A 280 22.37 -18.38 -30.06
N GLN A 281 23.47 -17.97 -29.44
CA GLN A 281 24.56 -17.34 -30.18
C GLN A 281 25.17 -18.36 -31.13
N LYS A 282 25.85 -17.86 -32.17
CA LYS A 282 26.43 -18.76 -33.16
C LYS A 282 27.46 -19.69 -32.54
N ASN A 283 28.26 -19.20 -31.60
CA ASN A 283 29.33 -20.04 -31.06
C ASN A 283 28.79 -21.13 -30.13
N GLN A 284 27.76 -20.82 -29.33
CA GLN A 284 27.12 -21.86 -28.53
C GLN A 284 26.34 -22.83 -29.41
N PHE A 285 25.69 -22.32 -30.46
CA PHE A 285 24.93 -23.18 -31.37
C PHE A 285 25.82 -24.21 -32.03
N GLN A 286 26.98 -23.80 -32.52
CA GLN A 286 27.88 -24.75 -33.17
C GLN A 286 28.38 -25.79 -32.19
N GLU A 287 28.71 -25.34 -30.98
CA GLU A 287 29.15 -26.26 -29.93
C GLU A 287 28.07 -27.29 -29.61
N LEU A 288 26.80 -26.89 -29.67
CA LEU A 288 25.70 -27.81 -29.35
C LEU A 288 25.55 -28.88 -30.44
N VAL A 289 25.43 -28.46 -31.71
CA VAL A 289 25.24 -29.43 -32.78
C VAL A 289 26.43 -30.38 -32.84
N LEU A 290 27.63 -29.88 -32.54
CA LEU A 290 28.81 -30.75 -32.50
C LEU A 290 28.72 -31.73 -31.33
N GLY A 291 28.14 -31.33 -30.21
CA GLY A 291 27.95 -32.24 -29.09
C GLY A 291 27.00 -33.37 -29.43
N PHE A 292 25.95 -33.07 -30.19
CA PHE A 292 25.03 -34.11 -30.65
C PHE A 292 25.72 -35.04 -31.64
N GLU A 293 26.50 -34.49 -32.56
CA GLU A 293 27.25 -35.33 -33.49
C GLU A 293 28.16 -36.30 -32.75
N MET A 294 28.89 -35.79 -31.74
CA MET A 294 29.86 -36.60 -31.00
C MET A 294 29.23 -37.83 -30.38
N THR A 295 27.95 -37.78 -30.01
CA THR A 295 27.33 -38.89 -29.30
C THR A 295 27.22 -40.14 -30.17
N GLY A 296 27.17 -39.98 -31.49
CA GLY A 296 26.93 -41.08 -32.39
C GLY A 296 25.52 -41.62 -32.42
N LEU A 297 24.58 -41.00 -31.70
CA LEU A 297 23.19 -41.44 -31.63
C LEU A 297 22.31 -40.59 -32.54
N PRO A 298 21.14 -41.10 -32.94
CA PRO A 298 20.23 -40.29 -33.77
C PRO A 298 19.67 -39.11 -33.01
N PHE A 299 19.64 -37.94 -33.65
CA PHE A 299 19.16 -36.74 -32.96
C PHE A 299 18.26 -35.89 -33.84
N PHE A 300 17.33 -35.20 -33.17
CA PHE A 300 16.39 -34.27 -33.78
C PHE A 300 16.49 -32.97 -32.99
N VAL A 301 17.13 -31.96 -33.57
CA VAL A 301 17.38 -30.69 -32.91
C VAL A 301 16.48 -29.65 -33.54
N ALA A 302 15.56 -29.10 -32.75
CA ALA A 302 14.66 -28.03 -33.20
C ALA A 302 15.03 -26.77 -32.43
N LEU A 303 15.77 -25.89 -33.09
CA LEU A 303 16.24 -24.64 -32.50
C LEU A 303 16.14 -23.54 -33.55
N SER A 304 15.81 -22.34 -33.10
CA SER A 304 15.87 -21.19 -33.99
C SER A 304 17.30 -20.98 -34.47
N LYS A 305 17.44 -20.60 -35.73
CA LYS A 305 18.76 -20.27 -36.24
C LYS A 305 19.37 -19.16 -35.39
N PRO A 306 20.69 -19.14 -35.24
CA PRO A 306 21.33 -18.04 -34.50
C PRO A 306 20.96 -16.71 -35.14
N HIS A 307 20.71 -15.71 -34.30
CA HIS A 307 20.30 -14.41 -34.83
C HIS A 307 21.43 -13.86 -35.71
N GLY A 308 21.05 -13.36 -36.88
CA GLY A 308 22.01 -12.90 -37.86
C GLY A 308 22.53 -13.97 -38.80
N ALA A 309 21.98 -15.17 -38.75
CA ALA A 309 22.32 -16.22 -39.70
C ALA A 309 21.25 -16.31 -40.77
N ASP A 310 21.68 -16.51 -42.03
CA ASP A 310 20.73 -16.58 -43.13
C ASP A 310 19.87 -17.83 -43.02
N SER A 311 20.49 -18.96 -42.74
CA SER A 311 19.83 -20.25 -42.70
C SER A 311 20.50 -21.10 -41.64
N ILE A 312 19.84 -22.21 -41.26
CA ILE A 312 20.46 -23.13 -40.30
C ILE A 312 21.72 -23.73 -40.90
N GLU A 313 21.67 -24.10 -42.19
CA GLU A 313 22.83 -24.69 -42.85
C GLU A 313 23.99 -23.70 -42.95
N GLU A 314 23.68 -22.40 -43.03
CA GLU A 314 24.75 -21.40 -43.02
C GLU A 314 25.44 -21.34 -41.66
N ALA A 315 24.65 -21.42 -40.58
CA ALA A 315 25.18 -21.33 -39.22
C ALA A 315 25.97 -22.55 -38.80
N LEU A 316 25.72 -23.70 -39.43
CA LEU A 316 26.37 -24.95 -39.02
C LEU A 316 27.89 -24.86 -39.24
N PRO A 317 28.65 -25.55 -38.40
CA PRO A 317 30.10 -25.65 -38.66
C PRO A 317 30.37 -26.35 -39.98
N GLU A 318 31.49 -25.97 -40.60
CA GLU A 318 31.90 -26.55 -41.87
C GLU A 318 32.06 -28.06 -41.76
N GLY A 319 31.48 -28.79 -42.72
CA GLY A 319 31.56 -30.23 -42.76
C GLY A 319 30.58 -30.97 -41.86
N PHE A 320 29.71 -30.26 -41.13
CA PHE A 320 28.77 -30.94 -40.23
C PHE A 320 27.71 -31.69 -41.03
N LEU A 321 27.11 -31.06 -42.01
CA LEU A 321 26.01 -31.70 -42.69
C LEU A 321 26.42 -33.02 -43.27
N GLU A 322 27.66 -33.04 -43.71
CA GLU A 322 28.19 -34.12 -44.49
C GLU A 322 28.59 -35.29 -43.63
N ARG A 323 29.20 -35.02 -42.50
CA ARG A 323 29.61 -36.04 -41.55
C ARG A 323 28.39 -36.71 -40.93
N VAL A 324 27.31 -35.95 -40.68
CA VAL A 324 26.16 -36.51 -39.97
C VAL A 324 25.28 -37.38 -40.88
N GLY A 325 25.01 -36.92 -42.10
CA GLY A 325 24.16 -37.68 -42.99
C GLY A 325 22.71 -37.69 -42.54
N ASP A 326 22.11 -38.88 -42.48
CA ASP A 326 20.72 -39.04 -42.07
C ASP A 326 20.58 -39.38 -40.60
N ARG A 327 21.68 -39.40 -39.85
CA ARG A 327 21.62 -39.74 -38.43
C ARG A 327 20.98 -38.61 -37.62
N GLY A 328 21.14 -37.37 -38.04
CA GLY A 328 20.64 -36.25 -37.27
C GLY A 328 19.98 -35.20 -38.14
N VAL A 329 19.00 -34.52 -37.54
CA VAL A 329 18.29 -33.41 -38.16
C VAL A 329 18.47 -32.18 -37.27
N VAL A 330 18.75 -31.04 -37.88
CA VAL A 330 18.75 -29.75 -37.20
C VAL A 330 17.78 -28.85 -37.96
N HIS A 331 16.69 -28.47 -37.30
CA HIS A 331 15.57 -27.84 -37.95
C HIS A 331 15.32 -26.45 -37.35
N GLY A 332 15.34 -25.43 -38.20
CA GLY A 332 15.03 -24.08 -37.76
C GLY A 332 13.56 -23.80 -37.56
N GLY A 333 12.67 -24.62 -38.13
CA GLY A 333 11.25 -24.37 -38.03
C GLY A 333 10.64 -24.80 -36.71
N TRP A 334 9.42 -24.31 -36.47
CA TRP A 334 8.60 -24.77 -35.36
C TRP A 334 8.14 -26.21 -35.59
N VAL A 335 8.15 -27.03 -34.54
CA VAL A 335 7.75 -28.42 -34.64
C VAL A 335 6.71 -28.75 -33.58
N GLN A 336 5.99 -29.85 -33.80
CA GLN A 336 4.99 -30.34 -32.83
C GLN A 336 5.72 -31.12 -31.75
N GLN A 337 6.07 -30.42 -30.66
CA GLN A 337 6.91 -31.00 -29.62
C GLN A 337 6.24 -32.16 -28.92
N THR A 338 4.94 -32.03 -28.61
CA THR A 338 4.24 -33.10 -27.90
C THR A 338 4.21 -34.38 -28.72
N GLN A 339 3.92 -34.28 -30.02
CA GLN A 339 3.81 -35.49 -30.85
C GLN A 339 5.16 -36.16 -31.04
N ILE A 340 6.22 -35.38 -31.26
CA ILE A 340 7.55 -35.95 -31.43
C ILE A 340 7.95 -36.70 -30.17
N LEU A 341 7.71 -36.10 -29.00
CA LEU A 341 8.07 -36.76 -27.75
C LEU A 341 7.27 -38.04 -27.55
N ASN A 342 6.00 -38.04 -27.98
CA ASN A 342 5.18 -39.24 -27.88
C ASN A 342 5.59 -40.31 -28.88
N HIS A 343 6.41 -39.99 -29.87
CA HIS A 343 6.80 -40.99 -30.86
C HIS A 343 7.72 -42.04 -30.23
N GLN A 344 7.46 -43.30 -30.59
CA GLN A 344 8.15 -44.42 -29.95
C GLN A 344 9.66 -44.35 -30.14
N SER A 345 10.12 -43.74 -31.24
CA SER A 345 11.55 -43.72 -31.51
C SER A 345 12.31 -42.77 -30.59
N VAL A 346 11.63 -41.76 -30.04
CA VAL A 346 12.29 -40.75 -29.22
C VAL A 346 12.54 -41.29 -27.83
N GLY A 347 13.78 -41.15 -27.34
CA GLY A 347 14.13 -41.67 -26.03
C GLY A 347 14.74 -40.68 -25.06
N CYS A 348 15.04 -39.47 -25.52
CA CYS A 348 15.72 -38.51 -24.67
C CYS A 348 15.29 -37.09 -25.06
N PHE A 349 15.12 -36.23 -24.06
CA PHE A 349 14.73 -34.85 -24.28
C PHE A 349 15.76 -33.93 -23.65
N VAL A 350 16.44 -33.16 -24.50
CA VAL A 350 17.40 -32.14 -24.07
C VAL A 350 16.67 -30.81 -24.11
N SER A 351 16.51 -30.17 -22.97
CA SER A 351 15.76 -28.92 -22.91
C SER A 351 16.43 -27.95 -21.96
N HIS A 352 15.93 -26.72 -21.98
CA HIS A 352 16.42 -25.68 -21.08
C HIS A 352 15.66 -25.65 -19.76
N CYS A 353 14.77 -26.60 -19.53
CA CYS A 353 13.94 -26.66 -18.33
C CYS A 353 13.09 -25.41 -18.15
N GLY A 354 12.57 -24.89 -19.25
CA GLY A 354 11.45 -23.97 -19.16
C GLY A 354 10.26 -24.65 -18.53
N PHE A 355 9.25 -23.85 -18.19
CA PHE A 355 8.09 -24.39 -17.49
C PHE A 355 7.38 -25.43 -18.34
N GLY A 356 7.08 -25.08 -19.59
CA GLY A 356 6.38 -26.03 -20.45
C GLY A 356 7.18 -27.29 -20.69
N SER A 357 8.48 -27.13 -20.94
CA SER A 357 9.30 -28.29 -21.27
C SER A 357 9.51 -29.18 -20.06
N MET A 358 9.63 -28.60 -18.87
CA MET A 358 9.83 -29.40 -17.68
C MET A 358 8.64 -30.33 -17.42
N TRP A 359 7.42 -29.80 -17.49
CA TRP A 359 6.24 -30.65 -17.29
C TRP A 359 6.09 -31.65 -18.43
N GLU A 360 6.39 -31.24 -19.66
CA GLU A 360 6.35 -32.19 -20.76
C GLU A 360 7.40 -33.29 -20.59
N SER A 361 8.58 -32.92 -20.08
CA SER A 361 9.59 -33.94 -19.76
C SER A 361 9.08 -34.88 -18.68
N LEU A 362 8.52 -34.32 -17.60
CA LEU A 362 8.07 -35.15 -16.48
C LEU A 362 7.01 -36.14 -16.93
N LEU A 363 6.06 -35.70 -17.76
CA LEU A 363 4.95 -36.54 -18.18
C LEU A 363 5.32 -37.53 -19.26
N SER A 364 6.41 -37.31 -19.98
CA SER A 364 6.85 -38.19 -21.04
C SER A 364 7.64 -39.38 -20.50
N ASP A 365 7.91 -40.34 -21.38
CA ASP A 365 8.69 -41.52 -21.07
C ASP A 365 10.16 -41.41 -21.44
N SER A 366 10.60 -40.25 -21.91
CA SER A 366 11.97 -40.05 -22.34
C SER A 366 12.88 -39.69 -21.16
N GLN A 367 14.17 -39.93 -21.35
CA GLN A 367 15.16 -39.44 -20.41
C GLN A 367 15.29 -37.92 -20.54
N ILE A 368 15.73 -37.29 -19.44
CA ILE A 368 15.67 -35.84 -19.31
C ILE A 368 17.09 -35.31 -19.15
N VAL A 369 17.49 -34.41 -20.05
CA VAL A 369 18.79 -33.77 -20.02
C VAL A 369 18.57 -32.26 -20.04
N LEU A 370 19.15 -31.55 -19.08
CA LEU A 370 18.78 -30.17 -18.82
C LEU A 370 19.95 -29.23 -19.07
N VAL A 371 19.67 -28.17 -19.83
CA VAL A 371 20.64 -27.10 -20.06
C VAL A 371 19.97 -25.78 -19.71
N PRO A 372 19.83 -25.46 -18.43
CA PRO A 372 19.14 -24.23 -18.06
C PRO A 372 19.95 -22.99 -18.41
N ARG A 373 19.24 -21.87 -18.52
CA ARG A 373 19.90 -20.58 -18.72
C ARG A 373 19.46 -19.55 -17.66
N LEU A 374 18.16 -19.34 -17.52
CA LEU A 374 17.64 -18.35 -16.58
C LEU A 374 17.63 -18.89 -15.15
N ALA A 375 17.44 -17.98 -14.18
CA ALA A 375 17.47 -18.35 -12.77
C ALA A 375 16.41 -19.38 -12.43
N ASP A 376 15.20 -19.19 -12.95
CA ASP A 376 14.13 -20.15 -12.70
C ASP A 376 14.42 -21.50 -13.35
N GLN A 377 15.02 -21.49 -14.55
CA GLN A 377 15.34 -22.74 -15.22
C GLN A 377 16.42 -23.50 -14.45
N ILE A 378 17.41 -22.78 -13.93
CA ILE A 378 18.47 -23.40 -13.14
C ILE A 378 17.88 -24.02 -11.87
N LEU A 379 16.96 -23.33 -11.22
CA LEU A 379 16.35 -23.86 -10.00
C LEU A 379 15.50 -25.09 -10.31
N ASN A 380 14.67 -25.03 -11.36
CA ASN A 380 13.91 -26.21 -11.73
C ASN A 380 14.83 -27.36 -12.12
N THR A 381 15.97 -27.05 -12.72
CA THR A 381 16.95 -28.08 -13.04
C THR A 381 17.55 -28.67 -11.78
N ARG A 382 17.84 -27.85 -10.77
CA ARG A 382 18.36 -28.38 -9.51
C ARG A 382 17.33 -29.23 -8.79
N LEU A 383 16.06 -28.86 -8.89
CA LEU A 383 15.01 -29.71 -8.34
C LEU A 383 14.98 -31.05 -9.06
N LEU A 384 14.98 -31.02 -10.40
CA LEU A 384 14.84 -32.25 -11.16
C LEU A 384 16.11 -33.11 -11.11
N ALA A 385 17.28 -32.48 -11.21
CA ALA A 385 18.50 -33.28 -11.31
C ALA A 385 19.09 -33.66 -9.96
N GLU A 386 18.96 -32.83 -8.94
CA GLU A 386 19.64 -33.04 -7.66
C GLU A 386 18.70 -33.50 -6.55
N GLU A 387 17.53 -32.89 -6.41
CA GLU A 387 16.59 -33.35 -5.39
C GLU A 387 15.81 -34.58 -5.87
N LEU A 388 15.06 -34.44 -6.97
CA LEU A 388 14.22 -35.53 -7.47
C LEU A 388 15.01 -36.63 -8.15
N LYS A 389 16.17 -36.30 -8.74
CA LYS A 389 17.00 -37.28 -9.45
C LYS A 389 16.25 -37.96 -10.60
N VAL A 390 15.46 -37.18 -11.34
CA VAL A 390 14.81 -37.70 -12.54
C VAL A 390 15.48 -37.23 -13.83
N ALA A 391 16.59 -36.49 -13.72
CA ALA A 391 17.22 -35.87 -14.86
C ALA A 391 18.71 -35.72 -14.58
N VAL A 392 19.46 -35.43 -15.64
CA VAL A 392 20.87 -35.08 -15.50
C VAL A 392 21.05 -33.66 -16.02
N GLU A 393 21.99 -32.93 -15.41
CA GLU A 393 22.25 -31.56 -15.78
C GLU A 393 23.58 -31.48 -16.51
N VAL A 394 23.59 -30.79 -17.65
CA VAL A 394 24.84 -30.53 -18.35
C VAL A 394 25.66 -29.52 -17.57
N GLU A 395 26.95 -29.79 -17.41
CA GLU A 395 27.84 -28.86 -16.74
C GLU A 395 28.04 -27.62 -17.61
N ARG A 396 28.08 -26.44 -16.99
CA ARG A 396 28.10 -25.18 -17.73
C ARG A 396 29.20 -24.27 -17.20
N GLY A 397 29.58 -23.32 -18.04
CA GLY A 397 30.64 -22.37 -17.73
C GLY A 397 30.11 -21.06 -17.17
N ASP A 398 31.04 -20.10 -17.07
CA ASP A 398 30.78 -18.87 -16.32
C ASP A 398 29.61 -18.09 -16.89
N MET A 399 29.49 -18.01 -18.21
CA MET A 399 28.38 -17.31 -18.82
C MET A 399 27.19 -18.22 -19.14
N GLY A 400 27.17 -19.42 -18.57
CA GLY A 400 26.22 -20.41 -19.05
C GLY A 400 26.72 -21.19 -20.23
N TRP A 401 27.97 -20.98 -20.62
CA TRP A 401 28.56 -21.70 -21.74
C TRP A 401 28.66 -23.18 -21.43
N PHE A 402 28.31 -24.02 -22.40
CA PHE A 402 28.47 -25.45 -22.25
C PHE A 402 29.24 -26.00 -23.44
N SER A 403 30.21 -26.86 -23.15
CA SER A 403 31.09 -27.46 -24.15
C SER A 403 30.42 -28.68 -24.79
N LYS A 404 30.90 -29.01 -26.00
CA LYS A 404 30.35 -30.16 -26.73
C LYS A 404 30.63 -31.46 -26.00
N GLU A 405 31.76 -31.55 -25.30
CA GLU A 405 32.07 -32.74 -24.52
C GLU A 405 31.14 -32.88 -23.33
N ASP A 406 30.83 -31.76 -22.66
CA ASP A 406 29.93 -31.83 -21.51
C ASP A 406 28.54 -32.29 -21.95
N LEU A 407 28.03 -31.73 -23.06
CA LEU A 407 26.74 -32.13 -23.58
C LEU A 407 26.74 -33.59 -24.01
N CYS A 408 27.81 -34.00 -24.71
CA CYS A 408 27.91 -35.38 -25.15
C CYS A 408 27.90 -36.35 -23.97
N LYS A 409 28.66 -36.04 -22.92
CA LYS A 409 28.71 -36.92 -21.75
C LYS A 409 27.35 -37.05 -21.08
N ALA A 410 26.61 -35.94 -20.97
CA ALA A 410 25.29 -35.97 -20.34
C ALA A 410 24.33 -36.87 -21.10
N ILE A 411 24.38 -36.80 -22.44
CA ILE A 411 23.49 -37.61 -23.28
C ILE A 411 23.84 -39.10 -23.17
N LYS A 412 25.12 -39.43 -23.25
CA LYS A 412 25.51 -40.84 -23.14
C LYS A 412 25.15 -41.40 -21.77
N SER A 413 25.25 -40.58 -20.72
CA SER A 413 24.98 -41.06 -19.36
C SER A 413 23.52 -41.46 -19.17
N VAL A 414 22.60 -40.86 -19.92
CA VAL A 414 21.19 -41.29 -19.87
C VAL A 414 20.83 -42.29 -20.97
N MET A 415 21.60 -42.33 -22.06
CA MET A 415 21.28 -43.16 -23.22
C MET A 415 21.90 -44.56 -23.18
N ASP A 416 23.16 -44.67 -22.72
CA ASP A 416 23.81 -45.97 -22.68
C ASP A 416 23.09 -46.92 -21.72
N GLU A 417 22.78 -48.13 -22.21
CA GLU A 417 22.15 -49.14 -21.35
C GLU A 417 23.07 -49.51 -20.19
N GLU A 418 24.39 -49.50 -20.42
CA GLU A 418 25.37 -49.76 -19.38
C GLU A 418 25.27 -48.76 -18.23
N SER A 419 24.99 -47.50 -18.53
CA SER A 419 25.19 -46.41 -17.58
C SER A 419 24.27 -46.56 -16.36
N GLU A 420 24.89 -46.64 -15.18
CA GLU A 420 24.11 -46.74 -13.95
C GLU A 420 23.37 -45.45 -13.64
N VAL A 421 23.95 -44.30 -14.00
CA VAL A 421 23.26 -43.03 -13.80
C VAL A 421 21.97 -42.98 -14.62
N GLY A 422 22.01 -43.49 -15.86
CA GLY A 422 20.81 -43.51 -16.67
C GLY A 422 19.70 -44.37 -16.09
N LYS A 423 20.05 -45.58 -15.62
CA LYS A 423 19.06 -46.47 -15.03
C LYS A 423 18.39 -45.86 -13.81
N LEU A 424 19.15 -45.09 -13.02
CA LEU A 424 18.60 -44.46 -11.82
C LEU A 424 17.61 -43.35 -12.18
N VAL A 425 18.00 -42.43 -13.06
CA VAL A 425 17.08 -41.35 -13.43
C VAL A 425 15.85 -41.92 -14.13
N LYS A 426 16.04 -42.95 -14.95
CA LYS A 426 14.89 -43.60 -15.59
C LYS A 426 13.93 -44.15 -14.54
N LYS A 427 14.45 -44.82 -13.51
CA LYS A 427 13.60 -45.37 -12.46
C LYS A 427 12.90 -44.28 -11.66
N ASN A 428 13.65 -43.28 -11.21
CA ASN A 428 13.04 -42.18 -10.46
C ASN A 428 12.05 -41.41 -11.32
N HIS A 429 12.39 -41.20 -12.60
CA HIS A 429 11.45 -40.58 -13.52
C HIS A 429 10.16 -41.37 -13.60
N ALA A 430 10.27 -42.71 -13.67
CA ALA A 430 9.07 -43.55 -13.80
C ALA A 430 8.14 -43.36 -12.61
N LYS A 431 8.69 -43.32 -11.39
CA LYS A 431 7.84 -43.10 -10.22
C LYS A 431 7.05 -41.80 -10.35
N TRP A 432 7.74 -40.71 -10.71
CA TRP A 432 7.09 -39.41 -10.74
C TRP A 432 6.09 -39.31 -11.88
N ARG A 433 6.42 -39.86 -13.05
CA ARG A 433 5.48 -39.83 -14.16
C ARG A 433 4.15 -40.46 -13.76
N GLU A 434 4.21 -41.60 -13.05
CA GLU A 434 3.00 -42.30 -12.66
C GLU A 434 2.16 -41.48 -11.68
N THR A 435 2.81 -40.76 -10.76
CA THR A 435 2.08 -39.87 -9.86
C THR A 435 1.38 -38.76 -10.65
N LEU A 436 2.09 -38.13 -11.58
CA LEU A 436 1.57 -36.94 -12.24
C LEU A 436 0.52 -37.29 -13.31
N VAL A 437 0.57 -38.50 -13.86
CA VAL A 437 -0.42 -38.90 -14.86
C VAL A 437 -1.59 -39.66 -14.25
N SER A 438 -1.55 -39.95 -12.94
CA SER A 438 -2.66 -40.66 -12.32
C SER A 438 -3.96 -39.92 -12.59
N PRO A 439 -5.04 -40.63 -12.95
CA PRO A 439 -6.26 -39.94 -13.39
C PRO A 439 -6.84 -39.04 -12.31
N GLY A 440 -7.26 -37.84 -12.72
CA GLY A 440 -7.80 -36.86 -11.81
C GLY A 440 -6.79 -36.07 -11.00
N TYR A 441 -5.49 -36.33 -11.17
CA TYR A 441 -4.49 -35.63 -10.37
C TYR A 441 -4.48 -34.14 -10.68
N MET A 442 -4.52 -33.78 -11.97
CA MET A 442 -4.55 -32.37 -12.34
C MET A 442 -5.87 -31.72 -11.91
N ASP A 443 -6.98 -32.42 -12.08
CA ASP A 443 -8.29 -31.83 -11.77
C ASP A 443 -8.46 -31.59 -10.28
N ASN A 444 -7.91 -32.46 -9.44
CA ASN A 444 -8.01 -32.26 -7.99
C ASN A 444 -7.41 -30.92 -7.58
N TYR A 445 -6.29 -30.52 -8.19
CA TYR A 445 -5.71 -29.22 -7.85
C TYR A 445 -6.62 -28.08 -8.25
N LEU A 446 -7.22 -28.16 -9.44
CA LEU A 446 -8.11 -27.07 -9.88
C LEU A 446 -9.36 -26.99 -9.01
N GLU A 447 -9.94 -28.14 -8.65
CA GLU A 447 -11.10 -28.16 -7.75
C GLU A 447 -10.74 -27.65 -6.37
N ASP A 448 -9.61 -28.09 -5.82
CA ASP A 448 -9.16 -27.59 -4.53
C ASP A 448 -8.80 -26.10 -4.61
N PHE A 449 -8.31 -25.64 -5.77
CA PHE A 449 -8.06 -24.21 -5.95
C PHE A 449 -9.36 -23.43 -5.83
N ILE A 450 -10.41 -23.91 -6.51
CA ILE A 450 -11.68 -23.20 -6.52
C ILE A 450 -12.26 -23.11 -5.11
N GLN A 451 -12.22 -24.21 -4.36
CA GLN A 451 -12.76 -24.21 -3.00
C GLN A 451 -12.02 -23.20 -2.12
N GLN A 452 -10.70 -23.11 -2.26
CA GLN A 452 -9.96 -22.11 -1.50
C GLN A 452 -10.41 -20.69 -1.87
N LEU A 453 -10.75 -20.44 -3.14
CA LEU A 453 -11.26 -19.12 -3.53
C LEU A 453 -12.56 -18.79 -2.80
N TYR A 454 -13.43 -19.79 -2.63
CA TYR A 454 -14.69 -19.56 -1.93
C TYR A 454 -14.46 -19.23 -0.46
N GLY A 455 -13.39 -19.74 0.12
CA GLY A 455 -13.00 -19.42 1.48
C GLY A 455 -12.38 -18.04 1.58
N LYS B 6 16.52 -3.13 23.43
CA LYS B 6 16.08 -2.49 22.19
C LYS B 6 16.67 -1.11 22.03
N PRO B 7 17.29 -0.85 20.88
CA PRO B 7 17.84 0.48 20.63
C PRO B 7 16.71 1.50 20.49
N LYS B 8 16.97 2.71 20.98
CA LYS B 8 15.98 3.77 20.86
C LYS B 8 15.76 4.08 19.37
N LEU B 9 14.58 4.62 19.06
CA LEU B 9 14.16 4.88 17.69
C LEU B 9 14.58 6.26 17.19
N HIS B 10 14.72 6.38 15.87
CA HIS B 10 14.92 7.65 15.21
C HIS B 10 13.71 7.96 14.34
N ILE B 11 12.98 9.03 14.69
CA ILE B 11 11.76 9.40 14.00
C ILE B 11 11.99 10.74 13.31
N THR B 12 11.61 10.83 12.05
CA THR B 12 11.59 12.10 11.36
C THR B 12 10.14 12.55 11.26
N MET B 13 9.90 13.81 11.61
CA MET B 13 8.58 14.41 11.49
C MET B 13 8.58 15.43 10.35
N PHE B 14 7.59 15.31 9.46
CA PHE B 14 7.40 16.29 8.38
C PHE B 14 5.94 16.70 8.32
N PRO B 15 5.52 17.66 9.13
CA PRO B 15 4.10 18.04 9.15
C PRO B 15 3.74 19.03 8.05
N TRP B 16 2.44 19.09 7.79
CA TRP B 16 1.86 20.15 6.98
C TRP B 16 2.28 21.51 7.51
N VAL B 17 2.53 22.45 6.60
CA VAL B 17 3.12 23.75 6.97
C VAL B 17 2.05 24.66 7.57
N ALA B 18 1.64 24.36 8.81
CA ALA B 18 0.74 25.19 9.57
C ALA B 18 1.10 25.09 11.04
N ILE B 19 0.95 26.20 11.77
CA ILE B 19 1.29 26.22 13.19
C ILE B 19 0.44 25.21 13.95
N GLY B 20 -0.82 25.04 13.55
CA GLY B 20 -1.73 24.08 14.18
C GLY B 20 -1.39 22.62 13.93
N HIS B 21 -0.64 22.32 12.87
CA HIS B 21 -0.15 20.96 12.68
C HIS B 21 1.22 20.78 13.33
N ILE B 22 2.10 21.77 13.16
CA ILE B 22 3.48 21.66 13.62
C ILE B 22 3.53 21.55 15.14
N THR B 23 2.69 22.31 15.83
CA THR B 23 2.75 22.32 17.29
C THR B 23 2.40 20.98 17.92
N PRO B 24 1.32 20.30 17.53
CA PRO B 24 1.10 18.95 18.09
C PRO B 24 2.23 17.99 17.76
N PHE B 25 2.78 18.05 16.55
CA PHE B 25 3.94 17.21 16.22
C PHE B 25 5.11 17.45 17.18
N ILE B 26 5.35 18.71 17.55
CA ILE B 26 6.42 19.03 18.49
C ILE B 26 6.10 18.49 19.89
N HIS B 27 4.82 18.56 20.29
CA HIS B 27 4.46 18.01 21.61
C HIS B 27 4.64 16.50 21.64
N LEU B 28 4.31 15.81 20.56
CA LEU B 28 4.56 14.38 20.47
C LEU B 28 6.06 14.11 20.49
N ALA B 29 6.83 14.93 19.78
CA ALA B 29 8.28 14.79 19.78
C ALA B 29 8.86 14.88 21.18
N ASN B 30 8.28 15.73 22.03
CA ASN B 30 8.79 15.85 23.40
C ASN B 30 8.51 14.59 24.22
N GLU B 31 7.32 14.01 24.05
CA GLU B 31 7.01 12.77 24.76
C GLU B 31 7.89 11.62 24.30
N LEU B 32 8.17 11.55 23.00
CA LEU B 32 9.03 10.49 22.49
C LEU B 32 10.46 10.65 22.97
N ALA B 33 10.98 11.88 22.91
CA ALA B 33 12.35 12.14 23.34
C ALA B 33 12.52 11.91 24.82
N LYS B 34 11.51 12.28 25.62
CA LYS B 34 11.55 11.98 27.03
C LYS B 34 11.81 10.49 27.27
N ARG B 35 11.35 9.63 26.36
CA ARG B 35 11.61 8.20 26.41
C ARG B 35 12.95 7.82 25.79
N GLY B 36 13.75 8.80 25.36
CA GLY B 36 15.07 8.50 24.84
C GLY B 36 15.17 8.40 23.33
N HIS B 37 14.08 8.62 22.61
CA HIS B 37 14.10 8.54 21.16
C HIS B 37 14.57 9.85 20.54
N SER B 38 15.16 9.72 19.36
CA SER B 38 15.75 10.83 18.62
C SER B 38 14.76 11.29 17.56
N ILE B 39 14.52 12.61 17.51
CA ILE B 39 13.52 13.21 16.64
C ILE B 39 14.20 14.30 15.80
N SER B 40 14.00 14.22 14.49
CA SER B 40 14.37 15.31 13.60
C SER B 40 13.10 15.86 12.99
N ILE B 41 12.90 17.18 13.10
CA ILE B 41 11.68 17.86 12.70
C ILE B 41 12.03 18.84 11.58
N LEU B 42 11.40 18.67 10.42
CA LEU B 42 11.65 19.47 9.22
C LEU B 42 10.52 20.48 9.07
N ILE B 43 10.81 21.75 9.28
CA ILE B 43 9.78 22.81 9.24
C ILE B 43 10.36 24.07 8.60
N PRO B 44 9.49 24.97 8.13
CA PRO B 44 9.96 26.25 7.59
C PRO B 44 10.60 27.13 8.66
N LYS B 45 11.37 28.11 8.17
CA LYS B 45 12.23 28.90 9.06
C LYS B 45 11.42 29.78 10.00
N LYS B 46 10.33 30.37 9.51
CA LYS B 46 9.55 31.25 10.35
C LYS B 46 8.82 30.48 11.46
N ALA B 47 8.33 29.27 11.15
CA ALA B 47 7.73 28.45 12.20
C ALA B 47 8.77 28.07 13.25
N HIS B 48 10.00 27.80 12.82
CA HIS B 48 11.08 27.49 13.76
C HIS B 48 11.33 28.67 14.71
N THR B 49 11.39 29.89 14.17
CA THR B 49 11.59 31.06 15.01
C THR B 49 10.46 31.24 16.00
N GLN B 50 9.24 30.94 15.58
CA GLN B 50 8.10 31.10 16.49
C GLN B 50 8.04 30.00 17.55
N LEU B 51 8.40 28.76 17.19
CA LEU B 51 8.15 27.62 18.08
C LEU B 51 9.40 27.01 18.68
N GLY B 52 10.58 27.56 18.42
CA GLY B 52 11.82 26.89 18.79
C GLY B 52 12.02 26.71 20.28
N HIS B 53 11.46 27.60 21.09
CA HIS B 53 11.57 27.43 22.54
C HIS B 53 10.87 26.18 23.05
N ASN B 54 9.93 25.63 22.28
CA ASN B 54 9.12 24.51 22.75
C ASN B 54 9.91 23.21 22.87
N ASN B 55 11.12 23.15 22.32
CA ASN B 55 11.91 21.94 22.37
C ASN B 55 12.49 21.76 23.77
N LEU B 56 12.09 20.68 24.47
CA LEU B 56 12.55 20.43 25.83
C LEU B 56 13.72 19.45 25.88
N TYR B 57 14.12 18.87 24.75
CA TYR B 57 15.20 17.89 24.71
C TYR B 57 16.11 18.22 23.52
N PRO B 58 16.90 19.29 23.64
CA PRO B 58 17.69 19.75 22.48
C PRO B 58 18.70 18.74 21.99
N ASP B 59 19.21 17.87 22.85
CA ASP B 59 20.15 16.86 22.38
C ASP B 59 19.43 15.77 21.59
N LEU B 60 18.17 15.49 21.90
CA LEU B 60 17.41 14.45 21.21
C LEU B 60 16.60 14.97 20.03
N ILE B 61 16.11 16.20 20.11
CA ILE B 61 15.23 16.78 19.10
C ILE B 61 16.02 17.83 18.34
N LYS B 62 16.22 17.60 17.04
CA LYS B 62 16.89 18.56 16.16
C LYS B 62 15.90 19.09 15.14
N PHE B 63 15.91 20.41 14.95
CA PHE B 63 15.11 21.03 13.89
C PHE B 63 15.98 21.15 12.64
N HIS B 64 15.39 20.83 11.50
CA HIS B 64 16.05 21.02 10.21
C HIS B 64 15.16 21.95 9.38
N ILE B 65 15.71 23.10 9.02
CA ILE B 65 14.95 24.11 8.31
C ILE B 65 14.81 23.71 6.86
N VAL B 66 13.58 23.75 6.36
CA VAL B 66 13.29 23.51 4.96
C VAL B 66 12.79 24.82 4.37
N THR B 67 13.27 25.17 3.19
CA THR B 67 12.83 26.39 2.52
C THR B 67 11.53 26.12 1.75
N VAL B 68 10.60 27.07 1.84
CA VAL B 68 9.35 26.99 1.10
C VAL B 68 9.56 27.68 -0.25
N PRO B 69 9.71 26.94 -1.34
CA PRO B 69 10.07 27.58 -2.62
C PRO B 69 8.97 28.48 -3.12
N HIS B 70 9.36 29.60 -3.74
CA HIS B 70 8.40 30.45 -4.43
C HIS B 70 7.80 29.69 -5.60
N VAL B 71 6.49 29.85 -5.78
CA VAL B 71 5.75 29.28 -6.89
C VAL B 71 4.73 30.32 -7.32
N GLU B 72 4.16 30.11 -8.51
CA GLU B 72 3.23 31.07 -9.06
C GLU B 72 2.05 31.29 -8.11
N GLY B 73 1.82 32.56 -7.76
CA GLY B 73 0.73 32.93 -6.90
C GLY B 73 1.04 32.92 -5.42
N LEU B 74 2.27 32.60 -5.03
CA LEU B 74 2.52 32.56 -3.60
C LEU B 74 2.96 33.93 -3.12
N PRO B 75 2.30 34.49 -2.10
CA PRO B 75 2.73 35.77 -1.55
C PRO B 75 4.18 35.70 -1.08
N ALA B 76 4.85 36.84 -1.16
CA ALA B 76 6.27 36.91 -0.82
C ALA B 76 6.49 36.53 0.64
N GLY B 77 7.47 35.68 0.88
CA GLY B 77 7.74 35.23 2.24
C GLY B 77 6.61 34.43 2.87
N ALA B 78 5.83 33.71 2.07
CA ALA B 78 4.79 32.85 2.61
C ALA B 78 5.38 31.49 2.89
N GLU B 79 5.40 31.10 4.17
CA GLU B 79 5.91 29.80 4.57
C GLU B 79 4.89 28.94 5.31
N THR B 80 3.83 29.53 5.85
CA THR B 80 2.87 28.82 6.69
C THR B 80 1.45 29.26 6.35
N ALA B 81 0.47 28.43 6.69
CA ALA B 81 -0.92 28.78 6.45
C ALA B 81 -1.29 30.12 7.08
N SER B 82 -0.64 30.48 8.19
CA SER B 82 -0.96 31.75 8.85
C SER B 82 -0.57 32.95 8.01
N ASP B 83 0.45 32.83 7.15
CA ASP B 83 0.86 33.96 6.32
C ASP B 83 -0.18 34.31 5.27
N ILE B 84 -0.90 33.31 4.76
CA ILE B 84 -1.71 33.48 3.57
C ILE B 84 -3.18 33.64 3.93
N ASP B 85 -3.91 34.21 3.00
CA ASP B 85 -5.37 34.13 2.95
C ASP B 85 -5.80 33.02 2.00
N ILE B 86 -7.11 32.76 1.97
CA ILE B 86 -7.66 31.62 1.21
C ILE B 86 -7.28 31.67 -0.28
N THR B 87 -7.08 32.86 -0.86
CA THR B 87 -6.72 32.90 -2.28
C THR B 87 -5.35 32.29 -2.57
N ALA B 88 -4.46 32.21 -1.59
CA ALA B 88 -3.13 31.65 -1.80
C ALA B 88 -3.04 30.16 -1.45
N LYS B 89 -4.17 29.51 -1.14
CA LYS B 89 -4.11 28.16 -0.56
C LYS B 89 -3.60 27.13 -1.55
N ASN B 90 -3.97 27.23 -2.83
CA ASN B 90 -3.41 26.28 -3.78
C ASN B 90 -1.93 26.56 -4.04
N PRO B 91 -1.50 27.83 -4.15
CA PRO B 91 -0.05 28.06 -4.21
C PRO B 91 0.72 27.50 -3.02
N LEU B 92 0.22 27.66 -1.79
CA LEU B 92 0.97 27.17 -0.63
C LEU B 92 1.08 25.65 -0.67
N ALA B 93 0.00 24.97 -1.05
CA ALA B 93 0.02 23.52 -1.18
C ALA B 93 1.00 23.09 -2.28
N ILE B 94 1.02 23.82 -3.39
CA ILE B 94 1.95 23.50 -4.48
C ILE B 94 3.40 23.73 -4.02
N ALA B 95 3.65 24.77 -3.24
CA ALA B 95 4.99 24.99 -2.72
C ALA B 95 5.35 23.89 -1.73
N PHE B 96 4.38 23.46 -0.92
CA PHE B 96 4.58 22.37 0.02
C PHE B 96 4.98 21.09 -0.68
N ASP B 97 4.26 20.72 -1.74
CA ASP B 97 4.63 19.55 -2.51
C ASP B 97 6.01 19.71 -3.15
N ALA B 98 6.41 20.96 -3.44
CA ALA B 98 7.69 21.18 -4.11
C ALA B 98 8.87 21.04 -3.16
N MET B 99 8.67 21.06 -1.84
CA MET B 99 9.85 20.81 -1.00
C MET B 99 10.23 19.33 -0.98
N TYR B 100 9.68 18.56 -1.91
CA TYR B 100 9.99 17.13 -2.07
C TYR B 100 11.49 16.90 -2.13
N GLU B 101 12.20 17.69 -2.94
CA GLU B 101 13.61 17.40 -3.18
C GLU B 101 14.47 17.64 -1.93
N GLN B 102 14.21 18.73 -1.21
CA GLN B 102 14.96 18.94 0.03
C GLN B 102 14.60 17.90 1.07
N VAL B 103 13.33 17.51 1.15
CA VAL B 103 12.95 16.47 2.08
C VAL B 103 13.63 15.16 1.69
N GLU B 104 13.73 14.88 0.39
CA GLU B 104 14.39 13.66 -0.05
C GLU B 104 15.85 13.65 0.36
N THR B 105 16.55 14.76 0.12
CA THR B 105 17.96 14.84 0.50
C THR B 105 18.13 14.77 2.01
N LEU B 106 17.24 15.42 2.76
CA LEU B 106 17.33 15.37 4.21
C LEU B 106 17.11 13.95 4.74
N LEU B 107 16.18 13.20 4.12
CA LEU B 107 15.90 11.85 4.60
C LEU B 107 17.06 10.92 4.29
N TYR B 108 17.71 11.10 3.14
CA TYR B 108 18.90 10.32 2.82
C TYR B 108 19.99 10.52 3.85
N GLY B 109 20.15 11.73 4.36
CA GLY B 109 21.14 11.99 5.39
C GLY B 109 20.72 11.53 6.77
N LEU B 110 19.46 11.78 7.12
CA LEU B 110 18.99 11.47 8.47
C LEU B 110 18.81 9.97 8.68
N LYS B 111 18.40 9.24 7.64
CA LYS B 111 18.22 7.79 7.70
C LYS B 111 17.29 7.35 8.83
N PRO B 112 16.11 7.93 8.95
CA PRO B 112 15.25 7.63 10.10
C PRO B 112 14.70 6.22 10.06
N ASP B 113 14.35 5.73 11.25
CA ASP B 113 13.62 4.46 11.30
C ASP B 113 12.17 4.65 10.87
N ILE B 114 11.53 5.74 11.31
CA ILE B 114 10.13 6.00 11.04
C ILE B 114 9.94 7.48 10.66
N VAL B 115 9.07 7.73 9.69
CA VAL B 115 8.73 9.11 9.32
C VAL B 115 7.25 9.33 9.60
N PHE B 116 6.96 10.41 10.32
CA PHE B 116 5.58 10.86 10.53
C PHE B 116 5.29 11.96 9.54
N TYR B 117 4.08 11.95 9.00
CA TYR B 117 3.62 12.93 8.03
C TYR B 117 2.10 12.97 8.10
N ASP B 118 1.51 14.02 7.51
CA ASP B 118 0.06 14.00 7.34
C ASP B 118 -0.36 14.29 5.89
N PHE B 119 -0.12 15.53 5.42
CA PHE B 119 -0.60 15.89 4.09
C PHE B 119 0.40 15.56 3.00
N ALA B 120 1.63 15.18 3.35
CA ALA B 120 2.65 14.90 2.35
C ALA B 120 2.42 13.48 1.81
N ASP B 121 1.49 13.39 0.87
CA ASP B 121 1.13 12.10 0.30
C ASP B 121 2.29 11.44 -0.41
N TRP B 122 3.30 12.21 -0.79
CA TRP B 122 4.47 11.67 -1.49
C TRP B 122 5.49 11.06 -0.54
N ILE B 123 5.31 11.17 0.76
CA ILE B 123 6.28 10.57 1.68
C ILE B 123 6.38 9.04 1.51
N PRO B 124 5.28 8.28 1.30
CA PRO B 124 5.43 6.80 1.09
C PRO B 124 6.22 6.43 -0.16
N LYS B 125 6.06 7.23 -1.21
CA LYS B 125 6.83 7.03 -2.44
C LYS B 125 8.31 7.13 -2.13
N LEU B 126 8.67 8.05 -1.24
CA LEU B 126 10.03 8.20 -0.79
C LEU B 126 10.42 7.03 0.11
N ALA B 127 9.47 6.61 0.95
CA ALA B 127 9.67 5.47 1.82
C ALA B 127 10.10 4.24 1.02
N ALA B 128 9.52 4.07 -0.18
CA ALA B 128 9.93 2.97 -1.03
C ALA B 128 11.36 3.13 -1.52
N GLN B 129 11.78 4.35 -1.77
CA GLN B 129 13.12 4.56 -2.29
C GLN B 129 14.19 4.51 -1.24
N ILE B 130 13.91 5.02 -0.07
CA ILE B 130 14.94 5.16 0.94
C ILE B 130 14.89 4.07 2.00
N GLY B 131 13.73 3.45 2.23
CA GLY B 131 13.64 2.42 3.25
C GLY B 131 13.43 2.94 4.66
N PHE B 132 12.19 3.28 4.98
CA PHE B 132 11.79 3.58 6.36
C PHE B 132 10.30 3.34 6.47
N LYS B 133 9.83 3.19 7.69
CA LYS B 133 8.41 3.00 7.94
C LYS B 133 7.72 4.36 8.10
N THR B 134 6.43 4.40 7.80
CA THR B 134 5.69 5.64 7.85
C THR B 134 4.44 5.50 8.72
N VAL B 135 4.17 6.57 9.44
CA VAL B 135 2.92 6.76 10.17
C VAL B 135 2.26 8.01 9.60
N CYS B 136 1.01 7.88 9.19
CA CYS B 136 0.22 9.04 8.79
C CYS B 136 -0.43 9.55 10.07
N TYR B 137 0.18 10.56 10.69
CA TYR B 137 -0.22 11.00 12.01
C TYR B 137 -1.10 12.24 11.86
N ASN B 138 -2.35 12.13 12.30
CA ASN B 138 -3.34 13.16 12.05
C ASN B 138 -3.67 13.89 13.34
N VAL B 139 -3.51 15.21 13.29
CA VAL B 139 -3.96 16.07 14.38
C VAL B 139 -5.47 16.28 14.30
N ILE B 140 -6.08 16.01 13.15
CA ILE B 140 -7.52 16.11 12.99
C ILE B 140 -8.21 15.04 13.82
N CYS B 141 -9.45 15.31 14.22
CA CYS B 141 -10.15 14.39 15.11
C CYS B 141 -10.60 13.14 14.35
N ALA B 142 -10.72 12.03 15.07
CA ALA B 142 -10.94 10.74 14.43
C ALA B 142 -12.30 10.69 13.72
N SER B 143 -13.33 11.28 14.32
CA SER B 143 -14.65 11.24 13.71
C SER B 143 -14.69 12.03 12.41
N CYS B 144 -13.94 13.13 12.33
CA CYS B 144 -13.87 13.89 11.09
C CYS B 144 -13.22 13.09 9.97
N MET B 145 -12.16 12.36 10.29
CA MET B 145 -11.53 11.49 9.30
C MET B 145 -12.48 10.38 8.88
N ALA B 146 -13.24 9.83 9.82
CA ALA B 146 -14.09 8.68 9.51
C ALA B 146 -15.30 9.11 8.69
N ILE B 147 -15.84 10.32 8.95
CA ILE B 147 -17.00 10.80 8.22
C ILE B 147 -16.65 11.43 6.88
N GLY B 148 -15.37 11.72 6.63
CA GLY B 148 -15.00 12.48 5.47
C GLY B 148 -14.40 11.66 4.34
N ILE B 149 -13.07 11.60 4.28
CA ILE B 149 -12.38 11.00 3.14
C ILE B 149 -12.06 9.56 3.51
N VAL B 150 -12.90 8.65 3.03
CA VAL B 150 -12.79 7.25 3.40
C VAL B 150 -13.29 6.48 2.17
N PRO B 151 -12.75 5.29 1.86
CA PRO B 151 -13.16 4.62 0.62
C PRO B 151 -14.65 4.44 0.47
N ALA B 152 -15.39 4.25 1.58
CA ALA B 152 -16.83 4.06 1.48
C ALA B 152 -17.54 5.29 0.90
N ARG B 153 -17.00 6.48 1.12
CA ARG B 153 -17.53 7.65 0.42
C ARG B 153 -16.88 7.73 -0.95
N HIS B 154 -17.69 7.75 -1.99
CA HIS B 154 -17.18 7.93 -3.34
C HIS B 154 -17.25 9.40 -3.67
N ILE B 155 -16.11 10.01 -3.91
CA ILE B 155 -16.02 11.40 -4.30
C ILE B 155 -15.70 11.46 -5.79
N PRO B 156 -16.62 11.94 -6.62
CA PRO B 156 -16.36 12.01 -8.06
C PRO B 156 -15.24 12.99 -8.39
N LYS B 157 -14.43 12.64 -9.39
CA LYS B 157 -13.42 13.56 -9.87
C LYS B 157 -14.02 14.73 -10.63
N ASP B 158 -15.14 14.51 -11.32
CA ASP B 158 -15.72 15.51 -12.22
C ASP B 158 -16.67 16.47 -11.51
N ARG B 159 -17.36 16.02 -10.46
CA ARG B 159 -18.50 16.75 -9.92
C ARG B 159 -18.35 16.93 -8.40
N PRO B 160 -18.79 18.06 -7.87
CA PRO B 160 -18.75 18.27 -6.41
C PRO B 160 -19.84 17.50 -5.68
N LEU B 161 -19.60 17.26 -4.41
CA LEU B 161 -20.61 16.63 -3.58
C LEU B 161 -21.73 17.61 -3.26
N THR B 162 -22.97 17.12 -3.30
CA THR B 162 -24.11 17.91 -2.88
C THR B 162 -24.12 18.04 -1.36
N GLU B 163 -24.94 18.98 -0.86
CA GLU B 163 -25.13 19.12 0.58
C GLU B 163 -25.71 17.84 1.18
N GLU B 164 -26.56 17.14 0.43
CA GLU B 164 -27.12 15.88 0.92
C GLU B 164 -26.06 14.79 0.97
N GLU B 165 -25.25 14.67 -0.09
CA GLU B 165 -24.20 13.66 -0.11
C GLU B 165 -23.25 13.83 1.07
N LEU B 166 -22.88 15.07 1.39
CA LEU B 166 -21.98 15.32 2.52
C LEU B 166 -22.66 14.98 3.84
N MET B 167 -23.95 15.30 3.97
CA MET B 167 -24.66 14.99 5.20
C MET B 167 -24.75 13.49 5.45
N THR B 168 -24.82 12.70 4.40
CA THR B 168 -24.94 11.25 4.54
C THR B 168 -23.59 10.66 4.95
N PRO B 169 -23.48 10.06 6.13
CA PRO B 169 -22.20 9.47 6.54
C PRO B 169 -21.87 8.27 5.68
N PRO B 170 -20.59 7.98 5.46
CA PRO B 170 -20.21 6.84 4.62
C PRO B 170 -20.76 5.55 5.21
N GLU B 171 -20.94 4.56 4.34
CA GLU B 171 -21.59 3.32 4.74
C GLU B 171 -20.79 2.62 5.83
N GLY B 172 -21.49 2.16 6.87
CA GLY B 172 -20.85 1.54 8.00
C GLY B 172 -20.39 2.49 9.08
N TYR B 173 -20.62 3.79 8.93
CA TYR B 173 -20.17 4.77 9.91
C TYR B 173 -20.79 4.45 11.25
N PRO B 174 -19.99 4.27 12.31
CA PRO B 174 -20.51 3.60 13.53
C PRO B 174 -21.55 4.40 14.31
N SER B 175 -21.60 5.72 14.18
CA SER B 175 -22.43 6.54 15.05
C SER B 175 -23.56 7.19 14.24
N SER B 176 -24.76 7.19 14.79
CA SER B 176 -25.86 7.95 14.23
C SER B 176 -26.03 9.32 14.88
N THR B 177 -25.37 9.55 16.01
CA THR B 177 -25.42 10.80 16.76
C THR B 177 -24.30 11.77 16.36
N VAL B 178 -23.09 11.26 16.14
CA VAL B 178 -21.95 12.12 15.81
C VAL B 178 -21.98 12.30 14.30
N VAL B 179 -22.89 13.16 13.85
CA VAL B 179 -23.11 13.44 12.42
C VAL B 179 -23.35 14.93 12.25
N LEU B 180 -23.12 15.40 11.03
CA LEU B 180 -23.50 16.75 10.66
C LEU B 180 -24.99 16.82 10.34
N ARG B 181 -25.58 17.98 10.61
CA ARG B 181 -27.01 18.16 10.41
C ARG B 181 -27.28 19.38 9.56
N GLY B 182 -28.01 19.19 8.48
CA GLY B 182 -28.53 20.32 7.77
C GLY B 182 -27.43 21.12 7.12
N GLN B 183 -27.43 22.43 7.35
CA GLN B 183 -26.43 23.22 6.64
C GLN B 183 -25.01 22.97 7.09
N GLU B 184 -24.82 22.39 8.28
CA GLU B 184 -23.46 22.08 8.75
C GLU B 184 -22.65 21.37 7.68
N ALA B 185 -23.31 20.64 6.78
CA ALA B 185 -22.65 19.90 5.72
C ALA B 185 -21.80 20.81 4.85
N ARG B 186 -22.11 22.11 4.79
CA ARG B 186 -21.26 23.03 4.03
C ARG B 186 -19.85 23.12 4.61
N THR B 187 -19.71 22.88 5.93
CA THR B 187 -18.40 22.91 6.58
C THR B 187 -17.49 21.77 6.14
N LEU B 188 -18.05 20.68 5.65
CA LEU B 188 -17.28 19.55 5.15
C LEU B 188 -16.95 19.66 3.67
N SER B 189 -17.42 20.71 3.00
CA SER B 189 -17.37 20.78 1.54
C SER B 189 -15.94 20.83 0.99
N PHE B 190 -14.94 21.15 1.82
CA PHE B 190 -13.58 21.24 1.31
C PHE B 190 -13.00 19.89 0.89
N ILE B 191 -13.50 18.78 1.44
CA ILE B 191 -12.89 17.48 1.14
C ILE B 191 -12.88 17.21 -0.36
N GLY B 192 -13.80 17.80 -1.11
CA GLY B 192 -13.83 17.68 -2.57
C GLY B 192 -13.09 18.76 -3.32
N MET B 193 -12.67 19.80 -2.62
CA MET B 193 -12.06 21.01 -3.17
C MET B 193 -10.66 20.71 -3.68
N ASP B 194 -10.17 21.59 -4.56
CA ASP B 194 -8.76 21.60 -4.94
C ASP B 194 -7.89 21.94 -3.73
N TYR B 195 -6.71 21.32 -3.68
CA TYR B 195 -5.70 21.61 -2.65
C TYR B 195 -4.34 21.49 -3.31
N GLY B 196 -3.87 22.60 -3.90
CA GLY B 196 -2.72 22.53 -4.77
C GLY B 196 -3.09 21.90 -6.10
N ALA B 197 -2.18 21.08 -6.63
CA ALA B 197 -2.38 20.55 -7.98
C ALA B 197 -3.40 19.44 -8.02
N THR B 198 -3.59 18.70 -6.93
CA THR B 198 -4.59 17.65 -6.87
C THR B 198 -5.72 18.07 -5.94
N LYS B 199 -6.86 17.39 -6.07
CA LYS B 199 -7.96 17.65 -5.17
C LYS B 199 -7.75 16.92 -3.84
N PHE B 200 -8.30 17.52 -2.77
CA PHE B 200 -7.93 17.16 -1.40
C PHE B 200 -8.16 15.67 -1.11
N ASP B 201 -9.30 15.12 -1.52
CA ASP B 201 -9.60 13.73 -1.19
C ASP B 201 -8.62 12.78 -1.84
N VAL B 202 -8.11 13.13 -3.03
CA VAL B 202 -7.08 12.31 -3.67
C VAL B 202 -5.81 12.31 -2.83
N ARG B 203 -5.46 13.46 -2.26
CA ARG B 203 -4.23 13.58 -1.47
C ARG B 203 -4.34 12.77 -0.18
N ILE B 204 -5.47 12.87 0.52
CA ILE B 204 -5.62 12.16 1.79
C ILE B 204 -5.73 10.65 1.56
N THR B 205 -6.39 10.25 0.47
CA THR B 205 -6.49 8.84 0.15
C THR B 205 -5.10 8.23 -0.07
N ALA B 206 -4.25 8.91 -0.82
CA ALA B 206 -2.90 8.40 -1.04
C ALA B 206 -2.11 8.39 0.26
N ALA B 207 -2.25 9.42 1.09
CA ALA B 207 -1.53 9.45 2.36
C ALA B 207 -1.97 8.30 3.27
N MET B 208 -3.28 8.09 3.41
CA MET B 208 -3.75 7.02 4.28
C MET B 208 -3.38 5.65 3.74
N GLN B 209 -3.49 5.45 2.42
CA GLN B 209 -3.23 4.13 1.85
C GLN B 209 -1.74 3.82 1.78
N GLY B 210 -0.87 4.85 1.69
CA GLY B 210 0.56 4.64 1.56
C GLY B 210 1.30 4.38 2.86
N CYS B 211 0.73 4.79 3.99
CA CYS B 211 1.42 4.68 5.27
C CYS B 211 1.46 3.23 5.75
N ASP B 212 2.31 2.96 6.74
CA ASP B 212 2.30 1.65 7.38
C ASP B 212 1.28 1.57 8.50
N ALA B 213 1.05 2.67 9.22
CA ALA B 213 0.00 2.73 10.21
C ALA B 213 -0.50 4.17 10.28
N ILE B 214 -1.76 4.31 10.68
CA ILE B 214 -2.42 5.60 10.85
C ILE B 214 -2.33 5.99 12.32
N GLY B 215 -1.88 7.20 12.60
CA GLY B 215 -1.77 7.72 13.95
C GLY B 215 -2.88 8.73 14.20
N ILE B 216 -3.51 8.62 15.37
CA ILE B 216 -4.55 9.56 15.77
C ILE B 216 -4.26 10.07 17.18
N ARG B 217 -4.44 11.37 17.36
CA ARG B 217 -4.22 12.04 18.64
C ARG B 217 -5.51 12.00 19.48
N THR B 218 -5.92 10.79 19.83
CA THR B 218 -7.13 10.60 20.62
C THR B 218 -6.96 9.36 21.50
N CYS B 219 -8.00 9.06 22.27
CA CYS B 219 -8.00 7.91 23.16
C CYS B 219 -9.17 7.00 22.79
N ARG B 220 -9.03 5.71 23.12
CA ARG B 220 -10.01 4.72 22.70
C ARG B 220 -11.34 4.92 23.43
N GLU B 221 -11.30 5.31 24.69
CA GLU B 221 -12.53 5.52 25.45
C GLU B 221 -13.40 6.60 24.81
N LEU B 222 -12.79 7.61 24.21
CA LEU B 222 -13.55 8.66 23.56
C LEU B 222 -14.05 8.21 22.19
N GLU B 223 -13.16 7.70 21.35
CA GLU B 223 -13.41 7.58 19.91
C GLU B 223 -13.05 6.20 19.37
N GLY B 224 -13.15 5.16 20.19
CA GLY B 224 -12.75 3.84 19.78
C GLY B 224 -13.36 3.35 18.49
N PRO B 225 -14.70 3.38 18.39
CA PRO B 225 -15.35 2.88 17.16
C PRO B 225 -14.95 3.65 15.91
N MET B 226 -14.70 4.96 16.01
CA MET B 226 -14.27 5.73 14.84
C MET B 226 -12.91 5.26 14.35
N CYS B 227 -11.97 5.06 15.27
CA CYS B 227 -10.68 4.51 14.90
C CYS B 227 -10.82 3.13 14.26
N ASP B 228 -11.68 2.28 14.86
CA ASP B 228 -11.91 0.95 14.30
C ASP B 228 -12.55 1.03 12.92
N TYR B 229 -13.44 2.00 12.71
CA TYR B 229 -13.99 2.18 11.38
C TYR B 229 -12.90 2.60 10.39
N LEU B 230 -12.03 3.51 10.81
CA LEU B 230 -10.93 3.96 9.95
C LEU B 230 -10.00 2.81 9.61
N SER B 231 -9.74 1.95 10.59
CA SER B 231 -8.84 0.82 10.40
C SER B 231 -9.37 -0.13 9.34
N ALA B 232 -10.66 -0.46 9.41
CA ALA B 232 -11.26 -1.34 8.41
C ALA B 232 -11.35 -0.66 7.05
N GLN B 233 -11.71 0.63 7.04
CA GLN B 233 -11.90 1.34 5.78
C GLN B 233 -10.59 1.43 5.00
N TYR B 234 -9.48 1.62 5.68
CA TYR B 234 -8.19 1.72 5.00
C TYR B 234 -7.37 0.44 5.10
N ASN B 235 -7.86 -0.56 5.84
CA ASN B 235 -7.12 -1.81 6.04
C ASN B 235 -5.72 -1.50 6.58
N LYS B 236 -5.68 -0.64 7.59
CA LYS B 236 -4.47 -0.20 8.26
C LYS B 236 -4.65 -0.30 9.76
N PRO B 237 -3.58 -0.61 10.49
CA PRO B 237 -3.62 -0.46 11.94
C PRO B 237 -3.68 1.02 12.30
N VAL B 238 -4.32 1.31 13.42
CA VAL B 238 -4.49 2.68 13.90
C VAL B 238 -3.83 2.76 15.27
N PHE B 239 -2.85 3.65 15.41
CA PHE B 239 -2.10 3.87 16.64
C PHE B 239 -2.67 5.11 17.33
N LEU B 240 -3.15 4.94 18.55
CA LEU B 240 -3.67 6.05 19.34
C LEU B 240 -2.56 6.56 20.25
N SER B 241 -2.18 7.83 20.09
CA SER B 241 -1.13 8.44 20.89
C SER B 241 -1.65 9.03 22.19
N GLY B 242 -2.96 9.12 22.35
CA GLY B 242 -3.53 9.96 23.37
C GLY B 242 -3.57 11.40 22.88
N PRO B 243 -4.17 12.29 23.65
CA PRO B 243 -4.28 13.69 23.21
C PRO B 243 -2.96 14.43 23.20
N VAL B 244 -1.94 13.93 23.89
CA VAL B 244 -0.62 14.54 23.99
C VAL B 244 -0.77 15.98 24.46
N LEU B 245 -1.49 16.17 25.56
CA LEU B 245 -1.70 17.51 26.06
C LEU B 245 -0.41 18.05 26.67
N PRO B 246 0.01 19.26 26.30
CA PRO B 246 1.23 19.83 26.88
C PRO B 246 1.04 20.17 28.35
N GLU B 247 2.16 20.40 29.02
CA GLU B 247 2.15 20.70 30.44
C GLU B 247 1.42 22.02 30.71
N SER B 248 0.61 22.02 31.76
CA SER B 248 -0.11 23.23 32.16
C SER B 248 0.88 24.34 32.51
N PRO B 249 0.60 25.59 32.13
CA PRO B 249 1.53 26.68 32.43
C PRO B 249 1.62 26.97 33.93
N LYS B 250 2.86 26.98 34.43
CA LYS B 250 3.13 27.38 35.80
C LYS B 250 2.99 28.89 35.95
N GLY B 251 3.01 29.34 37.21
CA GLY B 251 2.85 30.77 37.51
C GLY B 251 1.48 31.03 38.10
N PRO B 252 1.38 32.09 38.89
CA PRO B 252 0.12 32.41 39.55
C PRO B 252 -0.91 33.01 38.61
N LEU B 253 -2.16 32.84 38.99
CA LEU B 253 -3.22 33.55 38.29
C LEU B 253 -3.03 35.06 38.53
N GLU B 254 -3.28 35.84 37.48
CA GLU B 254 -3.18 37.29 37.57
C GLU B 254 -4.00 37.80 38.75
N GLU B 255 -3.36 38.59 39.63
CA GLU B 255 -3.98 38.87 40.93
C GLU B 255 -5.27 39.67 40.79
N LYS B 256 -5.34 40.57 39.80
CA LYS B 256 -6.57 41.34 39.60
C LYS B 256 -7.73 40.45 39.15
N TRP B 257 -7.46 39.42 38.34
CA TRP B 257 -8.49 38.43 38.05
C TRP B 257 -8.86 37.66 39.30
N GLU B 258 -7.86 37.30 40.10
CA GLU B 258 -8.16 36.59 41.34
C GLU B 258 -9.07 37.43 42.23
N LYS B 259 -8.83 38.75 42.30
CA LYS B 259 -9.73 39.59 43.11
C LYS B 259 -11.16 39.58 42.57
N TRP B 260 -11.29 39.68 41.25
CA TRP B 260 -12.62 39.72 40.67
C TRP B 260 -13.33 38.38 40.81
N LEU B 261 -12.60 37.28 40.62
CA LEU B 261 -13.20 35.98 40.84
C LEU B 261 -13.64 35.82 42.29
N ASN B 262 -12.90 36.41 43.24
CA ASN B 262 -13.16 36.12 44.67
C ASN B 262 -14.34 36.86 45.25
N LYS B 263 -14.81 37.85 44.51
CA LYS B 263 -16.05 38.52 44.84
C LYS B 263 -17.26 37.63 44.56
N PHE B 264 -17.07 36.45 43.98
CA PHE B 264 -18.20 35.60 43.70
C PHE B 264 -18.20 34.29 44.43
N GLU B 265 -19.36 33.70 44.52
CA GLU B 265 -19.52 32.43 45.22
C GLU B 265 -18.92 31.27 44.41
N PRO B 266 -18.60 30.13 45.05
CA PRO B 266 -17.94 29.04 44.31
C PRO B 266 -18.79 28.50 43.18
N LYS B 267 -18.14 28.26 42.04
CA LYS B 267 -18.73 27.61 40.87
C LYS B 267 -19.89 28.42 40.27
N SER B 268 -19.91 29.73 40.50
CA SER B 268 -21.00 30.58 40.04
C SER B 268 -20.63 31.40 38.80
N VAL B 269 -19.36 31.40 38.39
CA VAL B 269 -18.88 32.25 37.32
C VAL B 269 -18.87 31.46 36.02
N VAL B 270 -19.39 32.07 34.95
CA VAL B 270 -19.37 31.49 33.62
C VAL B 270 -18.18 32.05 32.85
N TYR B 271 -17.26 31.19 32.45
CA TYR B 271 -16.11 31.58 31.65
C TYR B 271 -16.34 31.22 30.19
N CYS B 272 -15.80 32.06 29.30
CA CYS B 272 -16.00 31.86 27.88
C CYS B 272 -14.76 32.29 27.12
N ALA B 273 -14.26 31.40 26.27
CA ALA B 273 -13.16 31.72 25.36
C ALA B 273 -13.26 30.80 24.16
N PHE B 274 -12.95 31.35 22.97
CA PHE B 274 -13.16 30.66 21.71
C PHE B 274 -11.86 30.30 21.01
N GLY B 275 -10.78 30.13 21.76
CA GLY B 275 -9.53 29.71 21.16
C GLY B 275 -8.72 30.89 20.65
N SER B 276 -7.53 30.55 20.12
CA SER B 276 -6.61 31.56 19.63
C SER B 276 -6.98 32.09 18.25
N GLN B 277 -7.57 31.25 17.40
CA GLN B 277 -7.70 31.58 15.98
C GLN B 277 -8.96 32.38 15.68
N MET B 278 -10.08 32.04 16.31
CA MET B 278 -11.36 32.62 15.93
C MET B 278 -11.47 34.09 16.31
N ILE B 279 -12.01 34.89 15.40
CA ILE B 279 -12.36 36.29 15.64
C ILE B 279 -13.79 36.51 15.19
N LEU B 280 -14.66 36.88 16.13
CA LEU B 280 -16.08 37.01 15.84
C LEU B 280 -16.38 38.29 15.07
N GLN B 281 -17.41 38.23 14.23
CA GLN B 281 -17.93 39.43 13.61
C GLN B 281 -18.55 40.33 14.67
N LYS B 282 -18.69 41.62 14.35
CA LYS B 282 -19.27 42.55 15.31
C LYS B 282 -20.69 42.15 15.67
N ASN B 283 -21.43 41.62 14.68
CA ASN B 283 -22.83 41.29 14.88
C ASN B 283 -22.99 40.04 15.76
N GLN B 284 -22.16 39.00 15.53
CA GLN B 284 -22.19 37.83 16.40
C GLN B 284 -21.60 38.13 17.77
N PHE B 285 -20.56 38.97 17.81
CA PHE B 285 -19.95 39.34 19.07
C PHE B 285 -20.96 40.03 19.99
N GLN B 286 -21.76 40.94 19.44
CA GLN B 286 -22.75 41.65 20.25
C GLN B 286 -23.82 40.69 20.76
N GLU B 287 -24.26 39.76 19.91
CA GLU B 287 -25.25 38.76 20.32
C GLU B 287 -24.74 37.90 21.47
N LEU B 288 -23.44 37.61 21.50
CA LEU B 288 -22.89 36.79 22.56
C LEU B 288 -22.87 37.54 23.89
N VAL B 289 -22.30 38.75 23.91
CA VAL B 289 -22.22 39.49 25.17
C VAL B 289 -23.61 39.79 25.72
N LEU B 290 -24.58 40.04 24.84
CA LEU B 290 -25.95 40.27 25.33
C LEU B 290 -26.54 39.01 25.93
N GLY B 291 -26.20 37.84 25.38
CA GLY B 291 -26.68 36.60 25.95
C GLY B 291 -26.16 36.34 27.34
N PHE B 292 -24.90 36.72 27.59
CA PHE B 292 -24.34 36.58 28.93
C PHE B 292 -25.03 37.52 29.91
N GLU B 293 -25.32 38.75 29.48
CA GLU B 293 -26.05 39.68 30.32
C GLU B 293 -27.40 39.09 30.74
N MET B 294 -28.11 38.51 29.78
CA MET B 294 -29.44 37.97 30.03
C MET B 294 -29.46 36.92 31.14
N THR B 295 -28.36 36.17 31.32
CA THR B 295 -28.37 35.06 32.28
C THR B 295 -28.51 35.53 33.71
N GLY B 296 -28.09 36.76 34.02
CA GLY B 296 -28.07 37.22 35.39
C GLY B 296 -26.98 36.65 36.26
N LEU B 297 -26.08 35.84 35.70
CA LEU B 297 -24.98 35.23 36.42
C LEU B 297 -23.67 35.98 36.14
N PRO B 298 -22.68 35.88 37.02
CA PRO B 298 -21.38 36.52 36.74
C PRO B 298 -20.66 35.80 35.60
N PHE B 299 -20.06 36.58 34.70
CA PHE B 299 -19.43 35.99 33.53
C PHE B 299 -18.07 36.64 33.26
N PHE B 300 -17.18 35.86 32.67
CA PHE B 300 -15.83 36.26 32.26
C PHE B 300 -15.65 35.85 30.81
N VAL B 301 -15.66 36.82 29.90
CA VAL B 301 -15.57 36.54 28.47
C VAL B 301 -14.22 37.01 27.96
N ALA B 302 -13.44 36.07 27.45
CA ALA B 302 -12.13 36.34 26.83
C ALA B 302 -12.27 36.04 25.34
N LEU B 303 -12.41 37.10 24.55
CA LEU B 303 -12.62 36.99 23.11
C LEU B 303 -11.81 38.07 22.42
N SER B 304 -11.24 37.74 21.26
CA SER B 304 -10.62 38.75 20.42
C SER B 304 -11.66 39.74 19.91
N LYS B 305 -11.27 41.01 19.84
CA LYS B 305 -12.15 42.02 19.29
C LYS B 305 -12.55 41.69 17.86
N PRO B 306 -13.76 42.09 17.45
CA PRO B 306 -14.12 41.95 16.03
C PRO B 306 -13.10 42.70 15.19
N HIS B 307 -12.73 42.10 14.07
CA HIS B 307 -11.68 42.67 13.23
C HIS B 307 -12.09 44.05 12.73
N GLY B 308 -11.15 44.99 12.83
CA GLY B 308 -11.41 46.36 12.44
C GLY B 308 -12.05 47.24 13.49
N ALA B 309 -12.27 46.73 14.70
CA ALA B 309 -12.76 47.54 15.80
C ALA B 309 -11.57 47.95 16.65
N ASP B 310 -11.54 49.22 17.05
CA ASP B 310 -10.38 49.73 17.78
C ASP B 310 -10.23 49.05 19.12
N SER B 311 -11.35 48.93 19.84
CA SER B 311 -11.31 48.32 21.17
C SER B 311 -12.55 47.48 21.46
N ILE B 312 -12.49 46.65 22.46
CA ILE B 312 -13.61 45.81 22.81
C ILE B 312 -14.80 46.72 23.13
N GLU B 313 -14.56 47.67 23.99
CA GLU B 313 -15.64 48.56 24.40
C GLU B 313 -16.21 49.34 23.21
N GLU B 314 -15.45 49.50 22.13
CA GLU B 314 -15.93 50.28 20.98
C GLU B 314 -16.93 49.47 20.13
N ALA B 315 -16.88 48.16 20.34
CA ALA B 315 -17.71 47.15 19.67
C ALA B 315 -18.90 46.71 20.47
N LEU B 316 -18.87 46.86 21.79
CA LEU B 316 -19.96 46.39 22.61
C LEU B 316 -21.24 47.16 22.27
N PRO B 317 -22.40 46.54 22.44
CA PRO B 317 -23.66 47.26 22.26
C PRO B 317 -23.76 48.44 23.22
N GLU B 318 -24.46 49.48 22.78
CA GLU B 318 -24.68 50.67 23.59
C GLU B 318 -25.37 50.32 24.90
N GLY B 319 -24.83 50.84 26.01
CA GLY B 319 -25.41 50.63 27.31
C GLY B 319 -25.07 49.31 27.98
N PHE B 320 -24.23 48.48 27.36
CA PHE B 320 -23.90 47.17 27.94
C PHE B 320 -23.04 47.33 29.18
N LEU B 321 -21.98 48.15 29.11
CA LEU B 321 -21.08 48.33 30.25
C LEU B 321 -21.82 48.87 31.48
N GLU B 322 -22.78 49.76 31.26
CA GLU B 322 -23.44 50.40 32.40
C GLU B 322 -24.41 49.45 33.09
N ARG B 323 -25.13 48.63 32.32
CA ARG B 323 -26.08 47.72 32.92
C ARG B 323 -25.39 46.59 33.68
N VAL B 324 -24.26 46.11 33.15
CA VAL B 324 -23.61 44.95 33.75
C VAL B 324 -22.84 45.33 35.00
N GLY B 325 -22.11 46.44 34.96
CA GLY B 325 -21.33 46.83 36.11
C GLY B 325 -20.19 45.84 36.33
N ASP B 326 -20.07 45.36 37.57
CA ASP B 326 -19.01 44.42 37.94
C ASP B 326 -19.44 42.96 37.87
N ARG B 327 -20.67 42.68 37.41
CA ARG B 327 -21.13 41.30 37.35
C ARG B 327 -20.43 40.52 36.24
N GLY B 328 -20.05 41.19 35.15
CA GLY B 328 -19.44 40.51 34.03
C GLY B 328 -18.27 41.29 33.48
N VAL B 329 -17.30 40.54 32.93
CA VAL B 329 -16.11 41.09 32.30
C VAL B 329 -16.06 40.63 30.86
N VAL B 330 -15.68 41.54 29.96
CA VAL B 330 -15.35 41.21 28.58
C VAL B 330 -13.94 41.72 28.31
N HIS B 331 -13.02 40.79 28.04
CA HIS B 331 -11.60 41.10 27.97
C HIS B 331 -11.09 40.71 26.59
N GLY B 332 -10.54 41.69 25.87
CA GLY B 332 -9.91 41.44 24.59
C GLY B 332 -8.53 40.83 24.68
N GLY B 333 -7.88 40.93 25.84
CA GLY B 333 -6.54 40.43 26.00
C GLY B 333 -6.49 38.93 26.19
N TRP B 334 -5.28 38.40 26.01
CA TRP B 334 -5.00 37.00 26.31
C TRP B 334 -5.08 36.75 27.80
N VAL B 335 -5.66 35.60 28.17
CA VAL B 335 -5.80 35.22 29.58
C VAL B 335 -5.22 33.82 29.76
N GLN B 336 -4.89 33.51 31.02
CA GLN B 336 -4.36 32.20 31.39
C GLN B 336 -5.54 31.25 31.56
N GLN B 337 -5.86 30.52 30.49
CA GLN B 337 -7.11 29.75 30.47
C GLN B 337 -7.13 28.66 31.54
N THR B 338 -6.02 27.94 31.72
CA THR B 338 -6.02 26.84 32.68
C THR B 338 -6.29 27.32 34.09
N GLN B 339 -5.65 28.41 34.51
CA GLN B 339 -5.79 28.87 35.89
C GLN B 339 -7.20 29.39 36.15
N ILE B 340 -7.81 30.07 35.18
CA ILE B 340 -9.18 30.54 35.36
C ILE B 340 -10.12 29.37 35.56
N LEU B 341 -9.97 28.33 34.74
CA LEU B 341 -10.80 27.13 34.90
C LEU B 341 -10.52 26.43 36.22
N ASN B 342 -9.27 26.48 36.68
CA ASN B 342 -8.92 25.89 37.97
C ASN B 342 -9.48 26.66 39.15
N HIS B 343 -9.94 27.86 38.91
CA HIS B 343 -10.41 28.65 39.98
C HIS B 343 -11.73 28.26 40.50
N GLN B 344 -11.81 28.19 41.81
CA GLN B 344 -12.99 27.79 42.48
C GLN B 344 -14.22 28.59 42.12
N SER B 345 -14.12 29.85 41.74
CA SER B 345 -15.36 30.57 41.49
C SER B 345 -16.00 30.19 40.14
N VAL B 346 -15.22 29.69 39.21
CA VAL B 346 -15.68 29.35 37.87
C VAL B 346 -16.43 28.03 37.89
N GLY B 347 -17.63 28.01 37.31
CA GLY B 347 -18.45 26.82 37.31
C GLY B 347 -18.90 26.36 35.93
N CYS B 348 -18.64 27.15 34.89
CA CYS B 348 -19.13 26.87 33.55
C CYS B 348 -18.13 27.38 32.54
N PHE B 349 -17.92 26.63 31.46
CA PHE B 349 -17.00 26.99 30.38
C PHE B 349 -17.77 26.97 29.05
N VAL B 350 -17.89 28.14 28.42
CA VAL B 350 -18.52 28.30 27.11
C VAL B 350 -17.41 28.37 26.07
N SER B 351 -17.36 27.38 25.17
CA SER B 351 -16.27 27.33 24.20
C SER B 351 -16.79 26.87 22.86
N HIS B 352 -15.90 26.95 21.87
CA HIS B 352 -16.17 26.47 20.51
C HIS B 352 -15.81 25.00 20.32
N CYS B 353 -15.40 24.31 21.38
CA CYS B 353 -15.00 22.90 21.32
C CYS B 353 -13.82 22.67 20.38
N GLY B 354 -12.86 23.59 20.39
CA GLY B 354 -11.56 23.30 19.82
C GLY B 354 -10.89 22.15 20.54
N PHE B 355 -9.79 21.65 19.96
CA PHE B 355 -9.11 20.50 20.54
C PHE B 355 -8.60 20.80 21.94
N GLY B 356 -7.89 21.93 22.10
CA GLY B 356 -7.38 22.26 23.42
C GLY B 356 -8.49 22.51 24.43
N SER B 357 -9.52 23.25 24.01
CA SER B 357 -10.58 23.64 24.94
C SER B 357 -11.44 22.44 25.32
N MET B 358 -11.68 21.54 24.38
CA MET B 358 -12.48 20.36 24.68
C MET B 358 -11.78 19.46 25.70
N TRP B 359 -10.49 19.21 25.50
CA TRP B 359 -9.77 18.40 26.48
C TRP B 359 -9.63 19.14 27.81
N GLU B 360 -9.47 20.46 27.76
CA GLU B 360 -9.47 21.25 28.98
C GLU B 360 -10.84 21.23 29.65
N SER B 361 -11.91 21.27 28.86
CA SER B 361 -13.25 21.15 29.42
C SER B 361 -13.44 19.81 30.13
N LEU B 362 -13.07 18.72 29.46
CA LEU B 362 -13.27 17.40 30.03
C LEU B 362 -12.53 17.22 31.35
N LEU B 363 -11.29 17.69 31.41
CA LEU B 363 -10.47 17.51 32.60
C LEU B 363 -10.87 18.43 33.74
N SER B 364 -11.58 19.51 33.45
CA SER B 364 -12.01 20.43 34.49
C SER B 364 -13.31 19.93 35.14
N ASP B 365 -13.68 20.56 36.26
CA ASP B 365 -14.93 20.24 36.95
C ASP B 365 -16.06 21.19 36.60
N SER B 366 -15.87 22.09 35.63
CA SER B 366 -16.92 23.03 35.27
C SER B 366 -17.89 22.40 34.25
N GLN B 367 -19.10 22.95 34.19
CA GLN B 367 -20.07 22.54 33.18
C GLN B 367 -19.65 23.02 31.80
N ILE B 368 -20.09 22.30 30.77
CA ILE B 368 -19.59 22.48 29.41
C ILE B 368 -20.73 22.92 28.50
N VAL B 369 -20.56 24.10 27.88
CA VAL B 369 -21.51 24.63 26.92
C VAL B 369 -20.75 24.92 25.63
N LEU B 370 -21.22 24.36 24.52
CA LEU B 370 -20.44 24.32 23.28
C LEU B 370 -21.10 25.14 22.17
N VAL B 371 -20.31 25.98 21.51
CA VAL B 371 -20.73 26.75 20.33
C VAL B 371 -19.74 26.48 19.21
N PRO B 372 -19.82 25.32 18.53
CA PRO B 372 -18.84 25.01 17.48
C PRO B 372 -19.06 25.84 16.21
N ARG B 373 -17.99 25.95 15.41
CA ARG B 373 -18.10 26.55 14.09
C ARG B 373 -17.55 25.64 12.99
N LEU B 374 -16.33 25.15 13.13
CA LEU B 374 -15.77 24.33 12.07
C LEU B 374 -16.33 22.91 12.14
N ALA B 375 -16.13 22.16 11.06
CA ALA B 375 -16.72 20.82 10.97
C ALA B 375 -16.22 19.92 12.09
N ASP B 376 -14.92 19.98 12.40
CA ASP B 376 -14.36 19.17 13.46
C ASP B 376 -14.92 19.57 14.82
N GLN B 377 -15.14 20.87 15.02
CA GLN B 377 -15.73 21.34 16.28
C GLN B 377 -17.16 20.87 16.43
N ILE B 378 -17.93 20.84 15.33
CA ILE B 378 -19.31 20.38 15.41
C ILE B 378 -19.37 18.90 15.78
N LEU B 379 -18.49 18.09 15.19
CA LEU B 379 -18.49 16.66 15.48
C LEU B 379 -18.06 16.39 16.92
N ASN B 380 -17.02 17.06 17.40
CA ASN B 380 -16.65 16.95 18.80
C ASN B 380 -17.78 17.41 19.71
N THR B 381 -18.52 18.44 19.28
CA THR B 381 -19.67 18.89 20.05
C THR B 381 -20.75 17.83 20.09
N ARG B 382 -20.99 17.16 18.96
CA ARG B 382 -21.98 16.08 18.96
C ARG B 382 -21.50 14.91 19.80
N LEU B 383 -20.20 14.64 19.82
CA LEU B 383 -19.70 13.57 20.69
C LEU B 383 -19.94 13.93 22.16
N LEU B 384 -19.59 15.16 22.54
CA LEU B 384 -19.70 15.56 23.94
C LEU B 384 -21.16 15.78 24.34
N ALA B 385 -21.93 16.45 23.50
CA ALA B 385 -23.29 16.82 23.87
C ALA B 385 -24.32 15.74 23.58
N GLU B 386 -24.10 14.91 22.55
CA GLU B 386 -25.11 13.95 22.13
C GLU B 386 -24.75 12.51 22.49
N GLU B 387 -23.52 12.09 22.21
CA GLU B 387 -23.12 10.71 22.53
C GLU B 387 -22.76 10.56 24.01
N LEU B 388 -21.76 11.31 24.48
CA LEU B 388 -21.30 11.18 25.87
C LEU B 388 -22.23 11.87 26.85
N LYS B 389 -22.94 12.91 26.39
CA LYS B 389 -23.86 13.68 27.24
C LYS B 389 -23.13 14.28 28.44
N VAL B 390 -21.92 14.79 28.22
CA VAL B 390 -21.19 15.51 29.24
C VAL B 390 -21.24 17.02 29.03
N ALA B 391 -22.00 17.50 28.05
CA ALA B 391 -22.02 18.90 27.65
C ALA B 391 -23.38 19.26 27.08
N VAL B 392 -23.62 20.56 26.95
CA VAL B 392 -24.82 21.09 26.31
C VAL B 392 -24.38 21.90 25.09
N GLU B 393 -25.16 21.82 24.02
CA GLU B 393 -24.87 22.50 22.76
C GLU B 393 -25.83 23.65 22.52
N VAL B 394 -25.31 24.81 22.17
CA VAL B 394 -26.12 25.95 21.83
C VAL B 394 -26.66 25.81 20.43
N GLU B 395 -27.96 26.04 20.24
CA GLU B 395 -28.56 25.94 18.91
C GLU B 395 -27.99 27.03 18.01
N ARG B 396 -27.85 26.73 16.72
CA ARG B 396 -27.29 27.69 15.79
C ARG B 396 -28.07 27.83 14.51
N GLY B 397 -27.80 28.89 13.78
CA GLY B 397 -28.44 29.16 12.50
C GLY B 397 -27.58 28.78 11.31
N ASP B 398 -28.02 29.21 10.12
CA ASP B 398 -27.46 28.71 8.86
C ASP B 398 -25.95 28.93 8.75
N MET B 399 -25.47 30.11 9.11
CA MET B 399 -24.06 30.41 9.01
C MET B 399 -23.30 30.10 10.29
N GLY B 400 -23.88 29.29 11.18
CA GLY B 400 -23.34 29.13 12.50
C GLY B 400 -23.75 30.21 13.47
N TRP B 401 -24.62 31.13 13.04
CA TRP B 401 -25.09 32.21 13.91
C TRP B 401 -25.90 31.67 15.07
N PHE B 402 -25.67 32.20 16.27
CA PHE B 402 -26.43 31.79 17.45
C PHE B 402 -27.02 33.01 18.13
N SER B 403 -28.29 32.92 18.51
CA SER B 403 -28.98 34.03 19.12
C SER B 403 -28.65 34.15 20.60
N LYS B 404 -28.83 35.36 21.13
CA LYS B 404 -28.56 35.61 22.55
C LYS B 404 -29.52 34.83 23.46
N GLU B 405 -30.75 34.56 23.01
CA GLU B 405 -31.65 33.76 23.80
C GLU B 405 -31.19 32.30 23.88
N ASP B 406 -30.69 31.78 22.76
CA ASP B 406 -30.21 30.40 22.73
C ASP B 406 -29.00 30.22 23.63
N LEU B 407 -28.05 31.16 23.61
CA LEU B 407 -26.90 31.05 24.48
C LEU B 407 -27.30 31.13 25.95
N CYS B 408 -28.20 32.06 26.29
CA CYS B 408 -28.63 32.22 27.68
C CYS B 408 -29.31 30.97 28.20
N LYS B 409 -30.23 30.38 27.42
CA LYS B 409 -30.94 29.20 27.89
C LYS B 409 -29.99 28.04 28.11
N ALA B 410 -29.00 27.87 27.22
CA ALA B 410 -28.03 26.78 27.37
C ALA B 410 -27.22 26.94 28.65
N ILE B 411 -26.82 28.17 28.98
CA ILE B 411 -26.03 28.41 30.18
C ILE B 411 -26.88 28.14 31.42
N LYS B 412 -28.12 28.65 31.43
CA LYS B 412 -29.00 28.42 32.57
C LYS B 412 -29.32 26.94 32.73
N SER B 413 -29.42 26.20 31.62
CA SER B 413 -29.77 24.79 31.71
C SER B 413 -28.68 23.99 32.42
N VAL B 414 -27.41 24.41 32.34
CA VAL B 414 -26.36 23.73 33.08
C VAL B 414 -26.06 24.40 34.42
N MET B 415 -26.39 25.68 34.58
CA MET B 415 -26.07 26.45 35.79
C MET B 415 -27.18 26.39 36.84
N ASP B 416 -28.45 26.43 36.44
CA ASP B 416 -29.55 26.38 37.40
C ASP B 416 -29.54 25.04 38.13
N GLU B 417 -29.62 25.10 39.47
CA GLU B 417 -29.69 23.86 40.26
C GLU B 417 -30.94 23.06 39.96
N GLU B 418 -32.06 23.74 39.66
CA GLU B 418 -33.30 23.05 39.31
C GLU B 418 -33.11 22.13 38.10
N SER B 419 -32.33 22.58 37.12
CA SER B 419 -32.31 21.96 35.80
C SER B 419 -31.82 20.51 35.86
N GLU B 420 -32.67 19.58 35.40
CA GLU B 420 -32.31 18.17 35.36
C GLU B 420 -31.24 17.89 34.30
N VAL B 421 -31.25 18.65 33.20
CA VAL B 421 -30.22 18.51 32.18
C VAL B 421 -28.86 18.89 32.77
N GLY B 422 -28.82 19.95 33.59
CA GLY B 422 -27.57 20.31 34.23
C GLY B 422 -27.06 19.23 35.16
N LYS B 423 -27.94 18.66 35.97
CA LYS B 423 -27.54 17.56 36.85
C LYS B 423 -27.07 16.37 36.06
N LEU B 424 -27.66 16.12 34.89
CA LEU B 424 -27.28 14.98 34.07
C LEU B 424 -25.87 15.14 33.51
N VAL B 425 -25.59 16.29 32.87
CA VAL B 425 -24.27 16.48 32.28
C VAL B 425 -23.20 16.52 33.37
N LYS B 426 -23.50 17.13 34.52
CA LYS B 426 -22.53 17.18 35.60
C LYS B 426 -22.13 15.79 36.07
N LYS B 427 -23.11 14.90 36.25
CA LYS B 427 -22.81 13.54 36.68
C LYS B 427 -22.00 12.79 35.63
N ASN B 428 -22.45 12.85 34.37
CA ASN B 428 -21.70 12.17 33.30
C ASN B 428 -20.32 12.77 33.13
N HIS B 429 -20.22 14.10 33.22
CA HIS B 429 -18.91 14.75 33.14
C HIS B 429 -17.98 14.27 34.25
N ALA B 430 -18.49 14.17 35.48
CA ALA B 430 -17.65 13.70 36.58
C ALA B 430 -17.15 12.29 36.34
N LYS B 431 -18.02 11.41 35.83
CA LYS B 431 -17.61 10.05 35.51
C LYS B 431 -16.46 10.06 34.51
N TRP B 432 -16.61 10.82 33.42
CA TRP B 432 -15.59 10.83 32.38
C TRP B 432 -14.32 11.49 32.86
N ARG B 433 -14.43 12.56 33.65
CA ARG B 433 -13.23 13.22 34.17
C ARG B 433 -12.38 12.24 34.96
N GLU B 434 -13.01 11.38 35.77
CA GLU B 434 -12.26 10.44 36.61
C GLU B 434 -11.48 9.44 35.76
N THR B 435 -12.07 8.98 34.64
CA THR B 435 -11.34 8.09 33.74
C THR B 435 -10.10 8.78 33.21
N LEU B 436 -10.25 10.03 32.75
CA LEU B 436 -9.18 10.75 32.06
C LEU B 436 -8.10 11.30 33.00
N VAL B 437 -8.43 11.54 34.28
CA VAL B 437 -7.42 12.05 35.22
C VAL B 437 -6.74 10.93 35.99
N SER B 438 -7.17 9.69 35.83
CA SER B 438 -6.58 8.58 36.55
C SER B 438 -5.07 8.51 36.30
N PRO B 439 -4.26 8.27 37.33
CA PRO B 439 -2.81 8.29 37.15
C PRO B 439 -2.36 7.23 36.15
N GLY B 440 -1.43 7.62 35.29
CA GLY B 440 -0.93 6.73 34.27
C GLY B 440 -1.80 6.58 33.05
N TYR B 441 -2.98 7.22 33.02
CA TYR B 441 -3.88 7.06 31.88
C TYR B 441 -3.28 7.68 30.62
N MET B 442 -2.75 8.90 30.74
CA MET B 442 -2.12 9.55 29.60
C MET B 442 -0.84 8.81 29.19
N ASP B 443 -0.04 8.40 30.19
CA ASP B 443 1.25 7.78 29.90
C ASP B 443 1.08 6.43 29.22
N ASN B 444 0.06 5.66 29.60
CA ASN B 444 -0.17 4.36 29.00
C ASN B 444 -0.36 4.45 27.50
N TYR B 445 -1.09 5.48 27.03
CA TYR B 445 -1.26 5.65 25.59
C TYR B 445 0.09 5.95 24.93
N LEU B 446 0.91 6.77 25.57
CA LEU B 446 2.23 7.06 25.02
C LEU B 446 3.12 5.83 25.00
N GLU B 447 3.12 5.04 26.08
CA GLU B 447 3.92 3.80 26.09
C GLU B 447 3.41 2.82 25.04
N ASP B 448 2.09 2.62 24.98
CA ASP B 448 1.52 1.71 23.99
C ASP B 448 1.76 2.19 22.57
N PHE B 449 1.77 3.52 22.37
CA PHE B 449 2.07 4.08 21.07
C PHE B 449 3.49 3.75 20.65
N ILE B 450 4.45 3.93 21.56
CA ILE B 450 5.84 3.64 21.24
C ILE B 450 6.03 2.15 20.96
N GLN B 451 5.44 1.30 21.80
CA GLN B 451 5.58 -0.14 21.58
C GLN B 451 4.99 -0.54 20.24
N GLN B 452 3.86 0.08 19.85
CA GLN B 452 3.31 -0.16 18.53
C GLN B 452 4.27 0.29 17.43
N LEU B 453 4.99 1.40 17.64
CA LEU B 453 5.97 1.86 16.66
C LEU B 453 7.04 0.80 16.44
N TYR B 454 7.44 0.11 17.50
CA TYR B 454 8.46 -0.93 17.40
C TYR B 454 7.98 -2.11 16.57
N GLY B 455 6.68 -2.41 16.58
CA GLY B 455 6.11 -3.43 15.73
C GLY B 455 6.00 -2.97 14.29
C43 A1EO9 C . 9.31 -10.32 -17.59
C02 A1EO9 C . 9.03 -10.98 -16.26
C03 A1EO9 C . 10.26 -11.06 -15.43
C17 A1EO9 C . 10.92 -9.70 -15.25
C18 A1EO9 C . 12.25 -9.87 -14.56
C31 A1EO9 C . 9.97 -8.98 -17.41
O44 A1EO9 C . 8.07 -10.11 -18.31
O01 A1EO9 C . 8.53 -12.32 -16.51
O04 A1EO9 C . 9.89 -11.61 -14.10
O30 A1EO9 C . 11.17 -9.04 -16.56
O19 A1EO9 C . 13.00 -10.80 -15.33
C42 A1EO9 C . 13.29 -7.16 -20.26
C40 A1EO9 C . 14.05 -7.55 -21.37
O41 A1EO9 C . 15.38 -7.94 -21.19
C38 A1EO9 C . 13.49 -7.52 -22.65
O39 A1EO9 C . 14.27 -7.90 -23.77
C37 A1EO9 C . 12.15 -7.11 -22.83
C36 A1EO9 C . 11.38 -6.73 -21.71
C35 A1EO9 C . 11.92 -6.75 -20.43
C34 A1EO9 C . 11.08 -6.32 -19.22
C33 A1EO9 C . 9.82 -7.26 -18.99
O32 A1EO9 C . 10.33 -8.53 -18.67
C20 A1EO9 C . 14.35 -10.50 -15.49
C28 A1EO9 C . 15.13 -11.82 -15.39
C26 A1EO9 C . 14.51 -12.78 -16.30
C24 A1EO9 C . 14.60 -12.33 -17.69
C22 A1EO9 C . 14.25 -10.82 -17.93
C23 A1EO9 C . 15.02 -10.37 -19.14
O29 A1EO9 C . 16.50 -11.59 -15.81
O27 A1EO9 C . 15.16 -14.09 -16.13
O25 A1EO9 C . 13.74 -13.13 -18.49
O21 A1EO9 C . 14.54 -9.92 -16.83
C05 A1EO9 C . 10.60 -12.78 -13.74
O16 A1EO9 C . 11.01 -13.50 -14.58
C06 A1EO9 C . 10.87 -13.07 -12.25
C07 A1EO9 C . 9.80 -12.85 -11.51
C08 A1EO9 C . 10.04 -13.12 -10.00
C09 A1EO9 C . 8.99 -12.91 -9.10
C10 A1EO9 C . 9.19 -13.14 -7.73
C12 A1EO9 C . 10.43 -13.58 -7.26
C14 A1EO9 C . 11.48 -13.79 -8.15
C15 A1EO9 C . 11.28 -13.56 -9.55
O13 A1EO9 C . 10.61 -13.81 -5.86
O11 A1EO9 C . 8.13 -12.94 -6.87
N1 UDP D . 7.36 -25.67 -28.35
C2 UDP D . 6.89 -26.33 -29.48
N3 UDP D . 7.80 -26.44 -30.50
C4 UDP D . 9.10 -25.96 -30.52
C5 UDP D . 9.50 -25.29 -29.32
C6 UDP D . 8.64 -25.18 -28.30
O2 UDP D . 5.75 -26.78 -29.56
O4 UDP D . 9.80 -26.13 -31.53
C1' UDP D . 6.45 -25.51 -27.21
C2' UDP D . 6.70 -26.49 -26.08
O2' UDP D . 5.97 -27.70 -26.31
C3' UDP D . 6.18 -25.73 -24.85
C4' UDP D . 6.14 -24.27 -25.29
O4' UDP D . 6.65 -24.24 -26.65
O3' UDP D . 4.88 -26.16 -24.47
C5' UDP D . 6.91 -23.29 -24.43
O5' UDP D . 8.21 -23.80 -24.09
PA UDP D . 8.79 -23.65 -22.62
O1A UDP D . 9.44 -24.94 -22.28
O2A UDP D . 7.73 -23.13 -21.66
O3A UDP D . 9.91 -22.51 -22.73
PB UDP D . 9.69 -20.96 -23.00
O1B UDP D . 8.68 -20.56 -21.94
O2B UDP D . 9.04 -20.95 -24.40
O3B UDP D . 10.97 -20.18 -22.92
C43 A1EO9 E . -5.39 23.82 7.25
C02 A1EO9 E . -5.59 22.36 7.46
C03 A1EO9 E . -6.95 21.97 7.03
C17 A1EO9 E . -7.18 22.30 5.56
C18 A1EO9 E . -8.65 22.25 5.29
C31 A1EO9 E . -5.50 24.17 5.79
O44 A1EO9 E . -4.07 24.21 7.72
O01 A1EO9 E . -5.41 22.08 8.88
O04 A1EO9 E . -7.18 20.51 7.22
O30 A1EO9 E . -6.76 23.70 5.18
O19 A1EO9 E . -9.18 23.24 6.15
C42 A1EO9 E . -7.07 28.21 3.92
C40 A1EO9 E . -7.79 29.32 4.36
O41 A1EO9 E . -9.15 29.43 4.07
C38 A1EO9 E . -7.16 30.32 5.10
O39 A1EO9 E . -7.89 31.45 5.54
C37 A1EO9 E . -5.77 30.21 5.40
C36 A1EO9 E . -5.03 29.08 4.95
C35 A1EO9 E . -5.67 28.09 4.22
C34 A1EO9 E . -4.88 26.86 3.74
C33 A1EO9 E . -4.33 26.03 4.98
O32 A1EO9 E . -5.43 25.54 5.70
C20 A1EO9 E . -10.56 23.35 6.18
C28 A1EO9 E . -10.90 24.22 7.40
C26 A1EO9 E . -11.44 25.52 6.97
C24 A1EO9 E . -10.54 26.17 6.01
C22 A1EO9 E . -10.37 25.32 4.74
C23 A1EO9 E . -11.00 26.00 3.55
O29 A1EO9 E . -11.88 23.56 8.25
O27 A1EO9 E . -12.73 25.23 6.32
O25 A1EO9 E . -9.26 26.32 6.62
O21 A1EO9 E . -10.97 23.99 4.91
C05 A1EO9 E . -8.37 20.17 7.90
O16 A1EO9 E . -8.82 20.91 8.73
C06 A1EO9 E . -9.12 18.85 7.60
C07 A1EO9 E . -8.33 17.80 7.51
C08 A1EO9 E . -9.12 16.49 7.19
C09 A1EO9 E . -8.43 15.27 7.06
C10 A1EO9 E . -9.15 14.09 6.77
C12 A1EO9 E . -10.53 14.13 6.62
C14 A1EO9 E . -11.21 15.33 6.76
C15 A1EO9 E . -10.51 16.53 7.05
O13 A1EO9 E . -11.26 12.93 6.34
O11 A1EO9 E . -8.46 12.89 6.64
N1 UDP F . -6.06 29.97 25.13
C2 UDP F . -5.55 30.60 26.25
N3 UDP F . -6.08 31.85 26.51
C4 UDP F . -7.05 32.50 25.77
C5 UDP F . -7.53 31.78 24.63
C6 UDP F . -7.04 30.56 24.35
O2 UDP F . -4.69 30.10 26.96
O4 UDP F . -7.44 33.62 26.13
C1' UDP F . -5.53 28.63 24.80
C2' UDP F . -6.41 27.49 25.29
O2' UDP F . -6.07 27.15 26.63
C3' UDP F . -6.07 26.37 24.28
C4' UDP F . -5.37 27.09 23.12
O4' UDP F . -5.49 28.50 23.40
O3' UDP F . -5.23 25.37 24.85
C5' UDP F . -5.88 26.79 21.73
O5' UDP F . -7.32 26.80 21.66
PA UDP F . -8.13 25.56 21.07
O1A UDP F . -7.15 24.49 20.79
O2A UDP F . -9.31 25.20 21.98
O3A UDP F . -8.77 26.10 19.72
PB UDP F . -7.95 26.70 18.50
O1B UDP F . -9.03 26.98 17.45
O2B UDP F . -7.12 25.52 18.02
O3B UDP F . -7.13 27.88 18.91
#